data_9B8M
#
_entry.id   9B8M
#
_cell.length_a   74.650
_cell.length_b   86.430
_cell.length_c   153.220
_cell.angle_alpha   90.00
_cell.angle_beta   90.00
_cell.angle_gamma   90.00
#
_symmetry.space_group_name_H-M   'P 21 21 21'
#
loop_
_entity.id
_entity.type
_entity.pdbx_description
1 polymer 'Ornithine decarboxylase'
2 non-polymer O-{[(3R)-pyrrolidin-3-yl]methyl}hydroxylamine
3 non-polymer "PYRIDOXAL-5'-PHOSPHATE"
4 water water
#
_entity_poly.entity_id   1
_entity_poly.type   'polypeptide(L)'
_entity_poly.pdbx_seq_one_letter_code
;MNNFGNEEFDCHFLDEGFTAKDILDQKINEVSSSDDKDAFYVADLGDILKKHLRWLKALPRVTPFYAVKCNDSKAIVKTL
AATGTGFDCASKTEIQLVQSLGVPPERIIYANPCKQVSQIKYAANNGVQMMTFDSEVELMKVARAHPKAKLVLRIATDDS
KAVCRLSVKFGATLRTSRLLLERAKELNIDVVGVSFHVGSGCTDPETFVQAISDARCVFDMGAEVGFSMYLLDIGGGFPG
SEDVKLKFEEITGVINPALDKYFPSDSGVRIIAEPGRYYVASAFTLAVNIIAKKIVLKEQTGSDDEDESSEQTFMYYVND
GVYGSFNCILYDHAHVKPLLQKRPKPDEKYYSSSIWGPTCDGLDRIVERCDLPEMHVGDWMLFENMGAYTVAAASTFNGF
QRPTIYYVMSGPAWQLMQQFQN
;
_entity_poly.pdbx_strand_id   A,B
#
loop_
_chem_comp.id
_chem_comp.type
_chem_comp.name
_chem_comp.formula
A1AQO non-polymer O-{[(3R)-pyrrolidin-3-yl]methyl}hydroxylamine 'C5 H12 N2 O'
PLP non-polymer PYRIDOXAL-5'-PHOSPHATE 'C8 H10 N O6 P'
#
# COMPACT_ATOMS: atom_id res chain seq x y z
N ASN A 6 -25.97 -0.79 2.18
CA ASN A 6 -24.95 -1.14 1.21
C ASN A 6 -24.35 -2.51 1.55
N GLU A 7 -23.41 -2.97 0.72
CA GLU A 7 -22.78 -4.27 0.97
C GLU A 7 -22.03 -4.26 2.28
N GLU A 8 -21.38 -3.12 2.60
CA GLU A 8 -20.62 -3.00 3.85
C GLU A 8 -21.53 -3.20 5.05
N PHE A 9 -22.75 -2.65 4.99
CA PHE A 9 -23.72 -2.76 6.07
C PHE A 9 -24.60 -3.98 5.91
N ASP A 10 -24.41 -4.74 4.84
CA ASP A 10 -25.19 -5.95 4.56
C ASP A 10 -24.63 -7.13 5.36
N CYS A 11 -25.46 -7.74 6.18
CA CYS A 11 -25.08 -8.89 6.99
C CYS A 11 -25.98 -10.07 6.67
N HIS A 12 -25.38 -11.24 6.51
CA HIS A 12 -26.11 -12.46 6.16
C HIS A 12 -26.23 -13.37 7.38
N PHE A 13 -27.34 -14.11 7.43
CA PHE A 13 -27.57 -15.05 8.52
C PHE A 13 -26.69 -16.28 8.41
N LEU A 14 -26.18 -16.72 9.54
CA LEU A 14 -25.43 -17.98 9.67
C LEU A 14 -26.33 -18.98 10.38
N ASP A 15 -26.78 -20.00 9.64
CA ASP A 15 -27.73 -20.94 10.21
C ASP A 15 -27.05 -21.85 11.23
N GLU A 16 -27.87 -22.43 12.10
CA GLU A 16 -27.37 -23.32 13.14
C GLU A 16 -26.60 -24.49 12.55
N GLY A 17 -25.48 -24.83 13.17
CA GLY A 17 -24.64 -25.91 12.70
C GLY A 17 -23.74 -25.56 11.53
N PHE A 18 -23.71 -24.30 11.11
CA PHE A 18 -22.91 -23.84 10.00
C PHE A 18 -21.82 -22.91 10.51
N THR A 19 -20.63 -23.02 9.93
CA THR A 19 -19.52 -22.14 10.23
C THR A 19 -19.17 -21.32 9.00
N ALA A 20 -18.31 -20.31 9.21
CA ALA A 20 -17.81 -19.50 8.10
C ALA A 20 -17.19 -20.37 7.02
N LYS A 21 -16.53 -21.46 7.42
CA LYS A 21 -15.91 -22.37 6.46
C LYS A 21 -16.95 -22.95 5.51
N ASP A 22 -18.07 -23.41 6.07
CA ASP A 22 -19.13 -24.00 5.26
C ASP A 22 -19.74 -22.97 4.32
N ILE A 23 -19.90 -21.73 4.80
CA ILE A 23 -20.41 -20.65 3.96
C ILE A 23 -19.46 -20.39 2.80
N LEU A 24 -18.16 -20.42 3.07
CA LEU A 24 -17.16 -20.30 2.01
C LEU A 24 -17.33 -21.39 0.97
N ASP A 25 -17.42 -22.65 1.44
CA ASP A 25 -17.64 -23.77 0.53
C ASP A 25 -18.89 -23.57 -0.31
N GLN A 26 -19.98 -23.12 0.32
CA GLN A 26 -21.23 -22.92 -0.39
C GLN A 26 -21.08 -21.88 -1.50
N LYS A 27 -20.55 -20.71 -1.16
CA LYS A 27 -20.41 -19.65 -2.18
C LYS A 27 -19.53 -20.12 -3.32
N ILE A 28 -18.44 -20.85 -2.99
CA ILE A 28 -17.53 -21.34 -4.02
C ILE A 28 -18.25 -22.32 -4.94
N ASN A 29 -19.03 -23.25 -4.37
CA ASN A 29 -19.79 -24.17 -5.20
C ASN A 29 -20.83 -23.44 -6.04
N GLU A 30 -21.39 -22.36 -5.50
CA GLU A 30 -22.42 -21.61 -6.22
C GLU A 30 -21.85 -20.91 -7.45
N VAL A 31 -20.61 -20.45 -7.37
CA VAL A 31 -19.99 -19.75 -8.50
C VAL A 31 -19.14 -20.69 -9.35
N SER A 32 -19.39 -22.00 -9.28
CA SER A 32 -18.53 -22.97 -9.93
C SER A 32 -18.46 -22.76 -11.44
N SER A 33 -19.60 -22.46 -12.08
CA SER A 33 -19.63 -22.29 -13.53
C SER A 33 -20.14 -20.92 -13.94
N SER A 34 -20.01 -19.92 -13.06
CA SER A 34 -20.46 -18.57 -13.38
C SER A 34 -19.41 -17.78 -14.17
N ASP A 35 -18.13 -18.03 -13.90
CA ASP A 35 -16.92 -17.41 -14.47
C ASP A 35 -16.63 -16.04 -13.81
N ASP A 36 -17.46 -15.58 -12.88
CA ASP A 36 -17.11 -14.40 -12.07
C ASP A 36 -16.53 -14.92 -10.77
N LYS A 37 -15.20 -15.00 -10.71
CA LYS A 37 -14.55 -15.64 -9.58
C LYS A 37 -13.56 -14.69 -8.92
N ASP A 38 -14.03 -13.47 -8.63
CA ASP A 38 -13.22 -12.51 -7.90
C ASP A 38 -12.96 -13.02 -6.48
N ALA A 39 -11.83 -12.63 -5.93
CA ALA A 39 -11.51 -12.98 -4.55
C ALA A 39 -12.52 -12.32 -3.62
N PHE A 40 -12.79 -12.97 -2.49
CA PHE A 40 -13.74 -12.39 -1.55
C PHE A 40 -13.42 -12.85 -0.13
N TYR A 41 -13.86 -12.04 0.83
CA TYR A 41 -13.74 -12.34 2.24
C TYR A 41 -15.05 -12.87 2.81
N VAL A 42 -14.93 -13.77 3.76
CA VAL A 42 -16.02 -14.12 4.67
C VAL A 42 -15.63 -13.64 6.06
N ALA A 43 -16.43 -12.74 6.63
CA ALA A 43 -16.15 -12.13 7.92
C ALA A 43 -17.22 -12.54 8.92
N ASP A 44 -16.83 -13.32 9.93
CA ASP A 44 -17.74 -13.82 10.95
C ASP A 44 -17.71 -12.88 12.15
N LEU A 45 -18.74 -12.04 12.28
CA LEU A 45 -18.84 -11.14 13.43
C LEU A 45 -19.01 -11.93 14.73
N GLY A 46 -19.62 -13.10 14.66
CA GLY A 46 -19.72 -13.96 15.84
C GLY A 46 -18.36 -14.31 16.41
N ASP A 47 -17.35 -14.43 15.54
CA ASP A 47 -15.99 -14.64 16.04
C ASP A 47 -15.51 -13.45 16.85
N ILE A 48 -15.90 -12.24 16.45
CA ILE A 48 -15.54 -11.05 17.22
C ILE A 48 -16.23 -11.08 18.58
N LEU A 49 -17.50 -11.48 18.63
CA LEU A 49 -18.17 -11.59 19.92
C LEU A 49 -17.51 -12.66 20.79
N LYS A 50 -17.09 -13.77 20.19
CA LYS A 50 -16.36 -14.79 20.93
C LYS A 50 -15.07 -14.22 21.51
N LYS A 51 -14.34 -13.46 20.69
CA LYS A 51 -13.10 -12.84 21.17
C LYS A 51 -13.37 -11.89 22.32
N HIS A 52 -14.47 -11.12 22.26
CA HIS A 52 -14.78 -10.22 23.36
C HIS A 52 -15.11 -10.98 24.64
N LEU A 53 -15.90 -12.05 24.53
CA LEU A 53 -16.15 -12.89 25.71
C LEU A 53 -14.85 -13.40 26.30
N ARG A 54 -13.97 -13.90 25.43
CA ARG A 54 -12.68 -14.43 25.88
C ARG A 54 -11.86 -13.35 26.58
N TRP A 55 -11.88 -12.13 26.05
CA TRP A 55 -11.16 -11.03 26.68
C TRP A 55 -11.74 -10.70 28.05
N LEU A 56 -13.06 -10.56 28.13
CA LEU A 56 -13.70 -10.32 29.42
C LEU A 56 -13.34 -11.39 30.43
N LYS A 57 -13.19 -12.63 29.98
CA LYS A 57 -12.85 -13.70 30.91
C LYS A 57 -11.37 -13.67 31.31
N ALA A 58 -10.48 -13.30 30.39
CA ALA A 58 -9.05 -13.39 30.64
C ALA A 58 -8.47 -12.16 31.31
N LEU A 59 -8.98 -10.96 31.01
CA LEU A 59 -8.46 -9.71 31.55
C LEU A 59 -9.60 -8.90 32.15
N PRO A 60 -10.18 -9.38 33.26
CA PRO A 60 -11.38 -8.71 33.80
C PRO A 60 -11.13 -7.28 34.27
N ARG A 61 -9.88 -6.92 34.56
CA ARG A 61 -9.56 -5.58 35.02
C ARG A 61 -9.20 -4.62 33.91
N VAL A 62 -9.15 -5.08 32.66
CA VAL A 62 -8.62 -4.31 31.54
C VAL A 62 -9.74 -4.02 30.56
N THR A 63 -10.03 -2.74 30.35
CA THR A 63 -11.03 -2.34 29.38
C THR A 63 -10.42 -2.29 27.99
N PRO A 64 -10.95 -3.02 27.01
CA PRO A 64 -10.34 -3.04 25.67
C PRO A 64 -10.76 -1.82 24.84
N PHE A 65 -9.79 -1.16 24.21
CA PHE A 65 -10.02 -0.10 23.24
C PHE A 65 -9.52 -0.59 21.88
N TYR A 66 -10.46 -0.87 20.96
CA TYR A 66 -10.08 -1.45 19.68
C TYR A 66 -9.24 -0.48 18.85
N ALA A 67 -8.13 -0.97 18.33
CA ALA A 67 -7.25 -0.18 17.47
C ALA A 67 -7.84 -0.16 16.06
N VAL A 68 -8.51 0.94 15.72
CA VAL A 68 -9.24 1.03 14.47
C VAL A 68 -8.33 0.83 13.26
N LYS A 69 -7.08 1.28 13.35
CA LYS A 69 -6.17 1.18 12.20
C LYS A 69 -5.93 -0.27 11.78
N CYS A 70 -6.19 -1.23 12.65
CA CYS A 70 -6.02 -2.63 12.28
C CYS A 70 -7.01 -3.05 11.21
N ASN A 71 -8.27 -2.64 11.34
CA ASN A 71 -9.30 -2.93 10.35
C ASN A 71 -10.41 -1.91 10.55
N ASP A 72 -10.56 -1.00 9.59
CA ASP A 72 -11.51 0.10 9.71
C ASP A 72 -12.87 -0.22 9.09
N SER A 73 -13.19 -1.50 8.92
CA SER A 73 -14.50 -1.86 8.38
C SER A 73 -15.62 -1.35 9.28
N LYS A 74 -16.59 -0.68 8.68
CA LYS A 74 -17.67 -0.05 9.45
C LYS A 74 -18.50 -1.09 10.19
N ALA A 75 -18.68 -2.28 9.62
CA ALA A 75 -19.41 -3.34 10.31
C ALA A 75 -18.70 -3.76 11.59
N ILE A 76 -17.38 -3.92 11.52
CA ILE A 76 -16.60 -4.31 12.69
C ILE A 76 -16.73 -3.28 13.78
N VAL A 77 -16.54 -2.00 13.44
CA VAL A 77 -16.60 -0.93 14.43
C VAL A 77 -18.00 -0.83 15.02
N LYS A 78 -19.03 -1.02 14.20
CA LYS A 78 -20.40 -0.98 14.70
C LYS A 78 -20.65 -2.12 15.68
N THR A 79 -20.21 -3.33 15.34
CA THR A 79 -20.38 -4.47 16.24
C THR A 79 -19.67 -4.23 17.56
N LEU A 80 -18.43 -3.74 17.50
CA LEU A 80 -17.66 -3.51 18.73
C LEU A 80 -18.28 -2.39 19.57
N ALA A 81 -18.81 -1.35 18.91
CA ALA A 81 -19.49 -0.28 19.64
C ALA A 81 -20.74 -0.81 20.34
N ALA A 82 -21.51 -1.65 19.64
CA ALA A 82 -22.65 -2.29 20.29
C ALA A 82 -22.19 -3.14 21.46
N THR A 83 -21.02 -3.75 21.36
CA THR A 83 -20.46 -4.52 22.46
C THR A 83 -20.04 -3.63 23.63
N GLY A 84 -19.79 -2.35 23.38
CA GLY A 84 -19.42 -1.43 24.45
C GLY A 84 -17.93 -1.27 24.68
N THR A 85 -17.09 -1.70 23.74
CA THR A 85 -15.66 -1.47 23.86
C THR A 85 -15.32 -0.01 23.58
N GLY A 86 -14.11 0.38 23.97
CA GLY A 86 -13.55 1.65 23.58
C GLY A 86 -12.92 1.59 22.21
N PHE A 87 -12.37 2.72 21.78
CA PHE A 87 -11.74 2.79 20.46
C PHE A 87 -10.48 3.65 20.52
N ASP A 88 -9.39 3.09 19.99
CA ASP A 88 -8.13 3.80 19.83
C ASP A 88 -8.06 4.35 18.41
N CYS A 89 -8.06 5.66 18.29
CA CYS A 89 -8.01 6.34 16.99
C CYS A 89 -6.69 7.08 16.83
N ALA A 90 -6.12 7.01 15.64
CA ALA A 90 -4.84 7.64 15.35
C ALA A 90 -4.93 8.86 14.44
N SER A 91 -6.11 9.17 13.91
CA SER A 91 -6.23 10.24 12.94
C SER A 91 -7.65 10.80 12.96
N LYS A 92 -7.83 11.92 12.27
CA LYS A 92 -9.14 12.56 12.17
C LYS A 92 -10.17 11.65 11.52
N THR A 93 -9.76 10.91 10.48
CA THR A 93 -10.70 10.06 9.76
C THR A 93 -11.24 8.95 10.67
N GLU A 94 -10.38 8.36 11.49
CA GLU A 94 -10.84 7.29 12.38
C GLU A 94 -11.78 7.83 13.45
N ILE A 95 -11.50 9.02 13.98
CA ILE A 95 -12.42 9.65 14.92
C ILE A 95 -13.76 9.92 14.26
N GLN A 96 -13.75 10.41 13.02
CA GLN A 96 -14.98 10.62 12.28
C GLN A 96 -15.76 9.32 12.14
N LEU A 97 -15.06 8.24 11.77
CA LEU A 97 -15.70 6.94 11.60
C LEU A 97 -16.34 6.48 12.90
N VAL A 98 -15.60 6.57 14.01
CA VAL A 98 -16.11 6.08 15.29
C VAL A 98 -17.30 6.90 15.77
N GLN A 99 -17.20 8.23 15.68
CA GLN A 99 -18.30 9.07 16.15
C GLN A 99 -19.52 8.97 15.24
N SER A 100 -19.32 8.74 13.94
CA SER A 100 -20.44 8.60 13.02
C SER A 100 -21.33 7.42 13.40
N LEU A 101 -20.77 6.38 14.00
CA LEU A 101 -21.53 5.22 14.45
C LEU A 101 -22.20 5.45 15.80
N GLY A 102 -22.07 6.63 16.39
CA GLY A 102 -22.75 6.96 17.62
C GLY A 102 -21.95 6.80 18.89
N VAL A 103 -20.64 6.66 18.79
CA VAL A 103 -19.80 6.46 19.98
C VAL A 103 -19.51 7.82 20.61
N PRO A 104 -19.74 7.99 21.91
CA PRO A 104 -19.44 9.26 22.56
C PRO A 104 -17.93 9.47 22.69
N PRO A 105 -17.48 10.71 22.85
CA PRO A 105 -16.03 10.96 22.86
C PRO A 105 -15.30 10.32 24.02
N GLU A 106 -15.96 10.09 25.16
CA GLU A 106 -15.28 9.51 26.31
C GLU A 106 -14.93 8.04 26.11
N ARG A 107 -15.39 7.42 25.02
CA ARG A 107 -14.98 6.06 24.65
C ARG A 107 -13.95 6.08 23.52
N ILE A 108 -13.29 7.21 23.29
CA ILE A 108 -12.31 7.37 22.22
C ILE A 108 -11.01 7.87 22.85
N ILE A 109 -9.90 7.22 22.50
CA ILE A 109 -8.58 7.68 22.89
C ILE A 109 -7.78 7.99 21.64
N TYR A 110 -7.22 9.20 21.57
CA TYR A 110 -6.40 9.64 20.44
C TYR A 110 -4.96 9.23 20.74
N ALA A 111 -4.67 7.95 20.53
CA ALA A 111 -3.39 7.37 20.94
C ALA A 111 -2.35 7.43 19.83
N ASN A 112 -2.14 8.62 19.27
CA ASN A 112 -1.06 8.85 18.33
C ASN A 112 -0.06 9.79 18.99
N PRO A 113 1.18 9.35 19.23
CA PRO A 113 2.11 10.21 19.98
C PRO A 113 2.60 11.42 19.20
N CYS A 114 2.48 11.42 17.87
CA CYS A 114 2.97 12.50 17.02
C CYS A 114 1.85 12.91 16.08
N LYS A 115 1.04 13.88 16.51
CA LYS A 115 -0.17 14.28 15.82
C LYS A 115 0.01 15.63 15.14
N GLN A 116 -0.54 15.75 13.93
CA GLN A 116 -0.58 17.05 13.25
C GLN A 116 -1.44 18.03 14.03
N VAL A 117 -1.02 19.29 14.05
CA VAL A 117 -1.70 20.31 14.85
C VAL A 117 -3.18 20.41 14.48
N SER A 118 -3.48 20.43 13.19
CA SER A 118 -4.88 20.54 12.76
C SER A 118 -5.70 19.36 13.25
N GLN A 119 -5.10 18.17 13.32
CA GLN A 119 -5.85 17.01 13.81
C GLN A 119 -6.05 17.08 15.32
N ILE A 120 -5.07 17.65 16.05
CA ILE A 120 -5.29 17.91 17.47
C ILE A 120 -6.44 18.88 17.66
N LYS A 121 -6.50 19.94 16.84
CA LYS A 121 -7.60 20.88 16.93
C LYS A 121 -8.93 20.20 16.63
N TYR A 122 -8.97 19.33 15.61
CA TYR A 122 -10.20 18.58 15.34
C TYR A 122 -10.60 17.73 16.54
N ALA A 123 -9.65 17.03 17.14
CA ALA A 123 -9.95 16.22 18.32
C ALA A 123 -10.52 17.07 19.44
N ALA A 124 -9.96 18.27 19.63
CA ALA A 124 -10.50 19.18 20.63
C ALA A 124 -11.92 19.60 20.30
N ASN A 125 -12.18 19.90 19.02
CA ASN A 125 -13.49 20.38 18.60
C ASN A 125 -14.59 19.34 18.82
N ASN A 126 -14.24 18.06 18.82
CA ASN A 126 -15.22 16.99 18.93
C ASN A 126 -15.21 16.31 20.30
N GLY A 127 -14.58 16.94 21.29
CA GLY A 127 -14.67 16.49 22.67
C GLY A 127 -13.81 15.30 23.03
N VAL A 128 -12.86 14.91 22.17
CA VAL A 128 -11.94 13.83 22.50
C VAL A 128 -10.83 14.42 23.36
N GLN A 129 -10.86 14.09 24.65
CA GLN A 129 -9.99 14.75 25.63
C GLN A 129 -8.66 14.04 25.83
N MET A 130 -8.63 12.72 25.69
CA MET A 130 -7.47 11.93 26.07
C MET A 130 -6.57 11.67 24.87
N MET A 131 -5.30 12.05 24.99
CA MET A 131 -4.31 11.85 23.92
C MET A 131 -2.99 11.38 24.53
N THR A 132 -2.23 10.63 23.74
CA THR A 132 -0.92 10.18 24.17
C THR A 132 0.17 11.13 23.67
N PHE A 133 1.34 11.05 24.31
CA PHE A 133 2.47 11.88 23.91
C PHE A 133 3.76 11.29 24.44
N ASP A 134 4.86 11.60 23.74
CA ASP A 134 6.18 11.18 24.22
C ASP A 134 7.29 12.21 23.97
N SER A 135 6.94 13.49 23.74
CA SER A 135 7.97 14.47 23.42
C SER A 135 7.51 15.86 23.84
N GLU A 136 8.50 16.76 24.00
CA GLU A 136 8.22 18.12 24.44
C GLU A 136 7.51 18.94 23.37
N VAL A 137 7.92 18.77 22.11
CA VAL A 137 7.25 19.48 21.01
C VAL A 137 5.77 19.14 20.99
N GLU A 138 5.43 17.89 21.29
CA GLU A 138 4.03 17.51 21.40
C GLU A 138 3.35 18.27 22.53
N LEU A 139 4.06 18.49 23.64
CA LEU A 139 3.50 19.27 24.75
C LEU A 139 3.22 20.71 24.32
N MET A 140 4.15 21.31 23.58
CA MET A 140 3.92 22.66 23.06
C MET A 140 2.69 22.69 22.16
N LYS A 141 2.60 21.75 21.23
CA LYS A 141 1.46 21.70 20.31
C LYS A 141 0.15 21.52 21.06
N VAL A 142 0.14 20.68 22.09
CA VAL A 142 -1.08 20.45 22.86
C VAL A 142 -1.46 21.71 23.64
N ALA A 143 -0.49 22.33 24.29
CA ALA A 143 -0.76 23.58 25.01
C ALA A 143 -1.29 24.65 24.09
N ARG A 144 -0.87 24.63 22.82
CA ARG A 144 -1.27 25.67 21.87
C ARG A 144 -2.53 25.32 21.08
N ALA A 145 -2.98 24.06 21.12
CA ALA A 145 -4.13 23.64 20.33
C ALA A 145 -5.22 22.89 21.09
N HIS A 146 -4.92 22.29 22.26
CA HIS A 146 -5.97 21.59 23.00
C HIS A 146 -5.61 21.64 24.48
N PRO A 147 -5.54 22.84 25.08
CA PRO A 147 -4.93 22.97 26.42
C PRO A 147 -5.60 22.16 27.52
N LYS A 148 -6.87 21.84 27.40
CA LYS A 148 -7.60 21.12 28.45
C LYS A 148 -7.66 19.62 28.18
N ALA A 149 -6.65 19.09 27.49
CA ALA A 149 -6.59 17.67 27.20
C ALA A 149 -6.01 16.88 28.37
N LYS A 150 -6.38 15.60 28.43
CA LYS A 150 -5.82 14.64 29.38
C LYS A 150 -4.74 13.84 28.66
N LEU A 151 -3.49 14.01 29.06
CA LEU A 151 -2.36 13.40 28.35
C LEU A 151 -1.89 12.13 29.03
N VAL A 152 -1.54 11.14 28.20
CA VAL A 152 -1.00 9.86 28.66
C VAL A 152 0.41 9.75 28.09
N LEU A 153 1.39 9.59 28.96
CA LEU A 153 2.78 9.51 28.55
C LEU A 153 3.06 8.10 28.04
N ARG A 154 3.48 7.98 26.78
CA ARG A 154 3.84 6.69 26.22
C ARG A 154 5.32 6.43 26.47
N ILE A 155 5.62 5.33 27.15
CA ILE A 155 7.00 4.99 27.51
C ILE A 155 7.52 3.94 26.55
N ALA A 156 8.83 3.90 26.41
CA ALA A 156 9.47 2.98 25.48
C ALA A 156 9.54 1.55 26.02
N THR A 157 9.59 0.60 25.08
CA THR A 157 9.76 -0.82 25.37
C THR A 157 10.77 -1.33 24.35
N ASP A 158 11.62 -2.27 24.76
CA ASP A 158 12.62 -2.82 23.85
C ASP A 158 12.18 -4.20 23.39
N ASP A 159 12.11 -4.39 22.07
CA ASP A 159 11.73 -5.67 21.48
C ASP A 159 12.91 -6.22 20.70
N SER A 160 13.37 -7.42 21.08
CA SER A 160 14.52 -8.02 20.42
C SER A 160 14.20 -8.45 19.00
N LYS A 161 12.99 -9.01 18.79
CA LYS A 161 12.61 -9.49 17.46
C LYS A 161 12.43 -8.36 16.46
N ALA A 162 12.28 -7.12 16.93
CA ALA A 162 12.16 -5.98 16.02
C ALA A 162 13.48 -5.72 15.30
N VAL A 163 13.38 -5.38 14.01
CA VAL A 163 14.57 -5.21 13.18
C VAL A 163 15.42 -4.05 13.67
N CYS A 164 14.79 -2.93 14.04
CA CYS A 164 15.50 -1.72 14.44
C CYS A 164 15.25 -1.47 15.92
N ARG A 165 16.33 -1.52 16.72
CA ARG A 165 16.26 -1.20 18.14
C ARG A 165 17.02 0.07 18.50
N LEU A 166 17.99 0.48 17.70
CA LEU A 166 18.74 1.68 18.00
C LEU A 166 17.86 2.92 17.90
N SER A 167 16.98 2.95 16.90
CA SER A 167 16.06 4.04 16.68
C SER A 167 14.65 3.52 16.87
N VAL A 168 13.93 4.06 17.85
CA VAL A 168 12.56 3.67 18.15
C VAL A 168 11.67 4.86 17.83
N LYS A 169 10.59 4.60 17.09
CA LYS A 169 9.74 5.70 16.63
C LYS A 169 8.97 6.34 17.79
N PHE A 170 8.49 5.53 18.73
CA PHE A 170 7.68 6.05 19.82
C PHE A 170 8.19 5.50 21.15
N GLY A 171 7.88 6.23 22.22
CA GLY A 171 8.20 5.77 23.55
C GLY A 171 9.32 6.54 24.18
N ALA A 172 9.04 7.17 25.33
CA ALA A 172 10.04 7.91 26.07
C ALA A 172 10.73 7.00 27.09
N THR A 173 12.02 7.19 27.26
CA THR A 173 12.73 6.53 28.35
C THR A 173 12.28 7.13 29.69
N LEU A 174 12.62 6.42 30.77
CA LEU A 174 12.28 6.91 32.11
C LEU A 174 12.92 8.26 32.38
N ARG A 175 14.19 8.40 32.02
CA ARG A 175 14.89 9.67 32.18
C ARG A 175 14.19 10.78 31.41
N THR A 176 13.85 10.54 30.14
CA THR A 176 13.10 11.52 29.37
C THR A 176 11.70 11.71 29.94
N SER A 177 11.11 10.65 30.48
CA SER A 177 9.75 10.74 31.02
C SER A 177 9.69 11.71 32.20
N ARG A 178 10.73 11.70 33.05
CA ARG A 178 10.76 12.62 34.18
C ARG A 178 10.76 14.07 33.71
N LEU A 179 11.61 14.39 32.73
CA LEU A 179 11.66 15.74 32.20
C LEU A 179 10.34 16.10 31.52
N LEU A 180 9.72 15.14 30.85
CA LEU A 180 8.43 15.40 30.22
C LEU A 180 7.37 15.74 31.25
N LEU A 181 7.36 15.03 32.37
CA LEU A 181 6.39 15.31 33.43
C LEU A 181 6.62 16.69 34.02
N GLU A 182 7.89 17.04 34.29
CA GLU A 182 8.15 18.37 34.83
C GLU A 182 7.76 19.47 33.84
N ARG A 183 8.04 19.26 32.55
CA ARG A 183 7.67 20.23 31.53
C ARG A 183 6.15 20.37 31.44
N ALA A 184 5.42 19.26 31.52
CA ALA A 184 3.97 19.31 31.52
C ALA A 184 3.44 20.08 32.72
N LYS A 185 4.06 19.89 33.88
CA LYS A 185 3.67 20.66 35.06
C LYS A 185 3.91 22.15 34.84
N GLU A 186 5.04 22.50 34.22
CA GLU A 186 5.32 23.90 33.92
C GLU A 186 4.23 24.51 33.05
N LEU A 187 3.77 23.79 32.03
CA LEU A 187 2.81 24.32 31.07
C LEU A 187 1.36 24.17 31.51
N ASN A 188 1.12 23.68 32.73
CA ASN A 188 -0.24 23.54 33.27
C ASN A 188 -1.07 22.58 32.41
N ILE A 189 -0.46 21.48 31.99
CA ILE A 189 -1.12 20.44 31.21
C ILE A 189 -1.29 19.21 32.10
N ASP A 190 -2.49 18.62 32.05
CA ASP A 190 -2.84 17.52 32.94
C ASP A 190 -2.37 16.19 32.34
N VAL A 191 -1.49 15.50 33.06
CA VAL A 191 -1.04 14.15 32.71
C VAL A 191 -1.75 13.17 33.64
N VAL A 192 -2.49 12.23 33.05
CA VAL A 192 -3.37 11.35 33.82
C VAL A 192 -2.93 9.90 33.84
N GLY A 193 -1.89 9.53 33.10
CA GLY A 193 -1.48 8.14 33.11
C GLY A 193 -0.30 7.86 32.22
N VAL A 194 -0.01 6.57 32.07
CA VAL A 194 1.12 6.07 31.29
C VAL A 194 0.64 4.96 30.36
N SER A 195 1.16 4.97 29.12
CA SER A 195 0.82 3.95 28.13
C SER A 195 2.07 3.35 27.52
N PHE A 196 1.97 2.09 27.08
CA PHE A 196 3.09 1.42 26.41
C PHE A 196 2.53 0.44 25.38
N HIS A 197 3.40 0.06 24.43
CA HIS A 197 3.06 -0.92 23.40
C HIS A 197 4.19 -1.94 23.30
N VAL A 198 3.92 -3.17 23.73
CA VAL A 198 4.94 -4.21 23.73
C VAL A 198 5.26 -4.67 22.32
N GLY A 199 4.33 -4.55 21.39
CA GLY A 199 4.60 -5.00 20.04
C GLY A 199 3.91 -6.30 19.72
N SER A 200 3.55 -6.47 18.44
CA SER A 200 2.87 -7.69 18.01
C SER A 200 3.79 -8.90 18.08
N GLY A 201 5.06 -8.73 17.71
CA GLY A 201 5.98 -9.85 17.70
C GLY A 201 6.61 -10.18 19.04
N CYS A 202 5.78 -10.25 20.09
CA CYS A 202 6.26 -10.58 21.42
C CYS A 202 6.53 -12.08 21.52
N THR A 203 7.75 -12.45 21.93
CA THR A 203 8.13 -13.84 22.13
C THR A 203 8.04 -14.27 23.59
N ASP A 204 8.38 -13.39 24.52
CA ASP A 204 8.40 -13.70 25.95
C ASP A 204 7.41 -12.79 26.65
N PRO A 205 6.39 -13.33 27.33
CA PRO A 205 5.41 -12.45 27.98
C PRO A 205 6.01 -11.61 29.09
N GLU A 206 7.16 -12.01 29.64
CA GLU A 206 7.79 -11.26 30.71
C GLU A 206 7.98 -9.79 30.34
N THR A 207 8.13 -9.50 29.05
CA THR A 207 8.28 -8.13 28.58
C THR A 207 7.15 -7.24 29.12
N PHE A 208 5.91 -7.71 29.01
CA PHE A 208 4.78 -6.97 29.55
C PHE A 208 5.03 -6.59 31.00
N VAL A 209 5.45 -7.57 31.81
CA VAL A 209 5.73 -7.31 33.22
C VAL A 209 6.71 -6.17 33.35
N GLN A 210 7.83 -6.23 32.61
CA GLN A 210 8.81 -5.17 32.66
C GLN A 210 8.14 -3.83 32.36
N ALA A 211 7.38 -3.78 31.27
CA ALA A 211 6.69 -2.55 30.91
C ALA A 211 5.79 -2.10 32.06
N ILE A 212 5.02 -3.03 32.61
CA ILE A 212 4.14 -2.69 33.72
C ILE A 212 4.96 -2.10 34.86
N SER A 213 6.08 -2.75 35.18
CA SER A 213 6.96 -2.23 36.23
C SER A 213 7.39 -0.81 35.88
N ASP A 214 7.87 -0.61 34.65
CA ASP A 214 8.28 0.72 34.23
C ASP A 214 7.14 1.70 34.37
N ALA A 215 5.93 1.28 33.97
CA ALA A 215 4.78 2.17 34.09
C ALA A 215 4.60 2.61 35.53
N ARG A 216 4.68 1.66 36.47
CA ARG A 216 4.56 2.00 37.88
C ARG A 216 5.57 3.07 38.24
N CYS A 217 6.82 2.88 37.80
CA CYS A 217 7.85 3.87 38.09
C CYS A 217 7.41 5.26 37.65
N VAL A 218 6.93 5.36 36.40
CA VAL A 218 6.54 6.68 35.91
C VAL A 218 5.37 7.21 36.73
N PHE A 219 4.45 6.33 37.12
CA PHE A 219 3.36 6.73 38.00
C PHE A 219 3.90 7.41 39.24
N ASP A 220 4.90 6.79 39.88
CA ASP A 220 5.50 7.39 41.06
C ASP A 220 6.10 8.75 40.73
N MET A 221 6.80 8.84 39.59
CA MET A 221 7.33 10.13 39.15
C MET A 221 6.22 11.17 39.08
N GLY A 222 5.07 10.79 38.50
CA GLY A 222 3.95 11.71 38.44
C GLY A 222 3.52 12.16 39.82
N ALA A 223 3.44 11.22 40.77
CA ALA A 223 3.07 11.58 42.13
C ALA A 223 4.06 12.59 42.71
N GLU A 224 5.33 12.50 42.32
CA GLU A 224 6.31 13.45 42.83
C GLU A 224 6.09 14.85 42.26
N VAL A 225 5.60 14.95 41.02
CA VAL A 225 5.45 16.25 40.38
C VAL A 225 4.09 16.87 40.64
N GLY A 226 3.17 16.15 41.29
CA GLY A 226 1.88 16.68 41.64
C GLY A 226 0.73 16.20 40.78
N PHE A 227 0.97 15.26 39.87
CA PHE A 227 -0.09 14.74 39.02
C PHE A 227 -0.88 13.65 39.73
N SER A 228 -2.17 13.55 39.39
CA SER A 228 -3.03 12.49 39.89
C SER A 228 -3.16 11.46 38.78
N MET A 229 -2.27 10.48 38.80
CA MET A 229 -2.20 9.47 37.75
C MET A 229 -3.21 8.36 38.05
N TYR A 230 -4.05 8.05 37.06
CA TYR A 230 -5.02 6.97 37.24
C TYR A 230 -5.14 6.04 36.04
N LEU A 231 -4.61 6.37 34.87
CA LEU A 231 -4.84 5.59 33.67
C LEU A 231 -3.58 4.82 33.30
N LEU A 232 -3.71 3.49 33.21
CA LEU A 232 -2.63 2.61 32.75
C LEU A 232 -3.07 1.94 31.46
N ASP A 233 -2.31 2.14 30.39
CA ASP A 233 -2.64 1.60 29.07
C ASP A 233 -1.54 0.61 28.68
N ILE A 234 -1.90 -0.67 28.58
CA ILE A 234 -0.92 -1.72 28.35
C ILE A 234 -0.82 -2.04 26.86
N GLY A 235 -1.45 -1.21 26.02
CA GLY A 235 -1.27 -1.33 24.58
C GLY A 235 -1.89 -2.58 24.01
N GLY A 236 -1.30 -3.05 22.90
CA GLY A 236 -1.78 -4.21 22.19
C GLY A 236 -0.68 -5.23 21.98
N GLY A 237 -0.77 -5.93 20.85
CA GLY A 237 0.18 -6.98 20.51
C GLY A 237 -0.29 -8.39 20.79
N PHE A 238 -1.48 -8.56 21.36
CA PHE A 238 -1.97 -9.89 21.68
C PHE A 238 -2.31 -10.64 20.39
N PRO A 239 -2.10 -11.95 20.35
CA PRO A 239 -2.37 -12.71 19.12
C PRO A 239 -3.85 -12.78 18.82
N GLY A 240 -4.16 -12.84 17.52
CA GLY A 240 -5.52 -12.92 17.04
C GLY A 240 -5.95 -14.28 16.57
N SER A 241 -5.08 -15.29 16.64
CA SER A 241 -5.44 -16.64 16.26
C SER A 241 -4.64 -17.61 17.13
N GLU A 242 -5.06 -18.87 17.11
CA GLU A 242 -4.36 -19.91 17.83
C GLU A 242 -3.15 -20.45 17.08
N ASP A 243 -2.92 -19.99 15.84
CA ASP A 243 -1.80 -20.47 15.05
C ASP A 243 -0.53 -19.71 15.39
N VAL A 244 -0.20 -19.67 16.68
CA VAL A 244 0.98 -18.98 17.17
C VAL A 244 1.57 -19.79 18.32
N LYS A 245 2.86 -19.62 18.55
CA LYS A 245 3.50 -20.32 19.65
C LYS A 245 3.12 -19.70 20.99
N LEU A 246 3.07 -18.38 21.07
CA LEU A 246 2.74 -17.66 22.29
C LEU A 246 1.27 -17.28 22.21
N LYS A 247 0.44 -18.01 22.95
CA LYS A 247 -1.00 -17.86 22.88
C LYS A 247 -1.49 -16.81 23.87
N PHE A 248 -2.70 -16.30 23.59
CA PHE A 248 -3.29 -15.22 24.37
C PHE A 248 -3.30 -15.52 25.87
N GLU A 249 -3.73 -16.73 26.24
CA GLU A 249 -3.93 -17.03 27.65
C GLU A 249 -2.63 -17.07 28.43
N GLU A 250 -1.52 -17.48 27.80
CA GLU A 250 -0.23 -17.41 28.46
C GLU A 250 0.13 -15.96 28.78
N ILE A 251 -0.05 -15.07 27.80
CA ILE A 251 0.23 -13.64 28.01
C ILE A 251 -0.63 -13.09 29.15
N THR A 252 -1.92 -13.44 29.16
CA THR A 252 -2.80 -12.92 30.21
C THR A 252 -2.45 -13.49 31.58
N GLY A 253 -2.08 -14.78 31.63
CA GLY A 253 -1.66 -15.37 32.88
C GLY A 253 -0.37 -14.78 33.42
N VAL A 254 0.47 -14.25 32.55
CA VAL A 254 1.65 -13.53 33.01
C VAL A 254 1.30 -12.09 33.39
N ILE A 255 0.33 -11.49 32.70
CA ILE A 255 0.02 -10.07 32.91
C ILE A 255 -0.73 -9.86 34.23
N ASN A 256 -1.73 -10.70 34.51
CA ASN A 256 -2.61 -10.44 35.65
C ASN A 256 -1.87 -10.38 36.99
N PRO A 257 -0.95 -11.28 37.32
CA PRO A 257 -0.19 -11.09 38.57
C PRO A 257 0.61 -9.80 38.60
N ALA A 258 1.19 -9.40 37.47
CA ALA A 258 1.93 -8.14 37.43
C ALA A 258 1.00 -6.96 37.69
N LEU A 259 -0.20 -6.98 37.09
CA LEU A 259 -1.17 -5.92 37.34
C LEU A 259 -1.57 -5.88 38.81
N ASP A 260 -1.82 -7.05 39.41
CA ASP A 260 -2.18 -7.09 40.82
C ASP A 260 -1.05 -6.60 41.72
N LYS A 261 0.20 -6.86 41.34
CA LYS A 261 1.34 -6.47 42.16
C LYS A 261 1.62 -4.97 42.06
N TYR A 262 1.68 -4.44 40.84
CA TYR A 262 2.09 -3.05 40.66
C TYR A 262 0.92 -2.07 40.64
N PHE A 263 -0.26 -2.51 40.23
CA PHE A 263 -1.44 -1.65 40.16
C PHE A 263 -2.63 -2.35 40.80
N PRO A 264 -2.62 -2.47 42.14
CA PRO A 264 -3.76 -3.11 42.80
C PRO A 264 -5.03 -2.30 42.62
N SER A 265 -6.18 -2.99 42.68
CA SER A 265 -7.46 -2.36 42.40
C SER A 265 -7.79 -1.25 43.40
N ASP A 266 -7.38 -1.41 44.66
CA ASP A 266 -7.68 -0.41 45.67
C ASP A 266 -6.99 0.92 45.41
N SER A 267 -5.94 0.94 44.59
CA SER A 267 -5.25 2.19 44.29
C SER A 267 -6.09 3.15 43.47
N GLY A 268 -7.17 2.68 42.86
CA GLY A 268 -8.02 3.52 42.04
C GLY A 268 -7.60 3.63 40.58
N VAL A 269 -6.59 2.86 40.16
CA VAL A 269 -6.13 2.90 38.78
C VAL A 269 -7.19 2.34 37.85
N ARG A 270 -7.24 2.87 36.64
CA ARG A 270 -8.09 2.36 35.57
C ARG A 270 -7.19 1.80 34.48
N ILE A 271 -7.36 0.52 34.18
CA ILE A 271 -6.48 -0.21 33.27
C ILE A 271 -7.22 -0.45 31.96
N ILE A 272 -6.56 -0.13 30.85
CA ILE A 272 -7.09 -0.27 29.51
C ILE A 272 -6.04 -0.92 28.63
N ALA A 273 -6.47 -1.34 27.44
CA ALA A 273 -5.58 -1.89 26.43
C ALA A 273 -6.00 -1.41 25.06
N GLU A 274 -5.14 -1.65 24.07
CA GLU A 274 -5.40 -1.26 22.68
C GLU A 274 -5.24 -2.46 21.73
N PRO A 275 -5.99 -3.55 21.94
CA PRO A 275 -5.81 -4.72 21.08
C PRO A 275 -6.39 -4.46 19.69
N GLY A 276 -5.56 -4.57 18.66
CA GLY A 276 -6.06 -4.50 17.31
C GLY A 276 -6.31 -5.84 16.64
N ARG A 277 -5.27 -6.67 16.54
CA ARG A 277 -5.37 -7.91 15.77
C ARG A 277 -6.11 -9.00 16.53
N TYR A 278 -6.09 -8.96 17.87
CA TYR A 278 -6.74 -9.99 18.66
C TYR A 278 -8.22 -10.13 18.32
N TYR A 279 -8.89 -9.01 18.05
CA TYR A 279 -10.33 -9.03 17.84
C TYR A 279 -10.73 -9.53 16.46
N VAL A 280 -9.89 -9.29 15.44
CA VAL A 280 -10.35 -9.42 14.07
C VAL A 280 -9.54 -10.42 13.25
N ALA A 281 -8.36 -10.85 13.69
CA ALA A 281 -7.48 -11.66 12.86
C ALA A 281 -8.20 -12.89 12.30
N SER A 282 -8.75 -13.71 13.19
CA SER A 282 -9.35 -14.97 12.78
C SER A 282 -10.77 -14.81 12.24
N ALA A 283 -11.36 -13.60 12.34
CA ALA A 283 -12.73 -13.41 11.89
C ALA A 283 -12.86 -13.41 10.38
N PHE A 284 -11.77 -13.14 9.65
CA PHE A 284 -11.81 -13.02 8.20
C PHE A 284 -11.10 -14.22 7.56
N THR A 285 -11.76 -14.83 6.58
CA THR A 285 -11.12 -15.83 5.74
C THR A 285 -11.22 -15.37 4.29
N LEU A 286 -10.10 -15.43 3.57
CA LEU A 286 -10.00 -14.93 2.22
C LEU A 286 -10.00 -16.08 1.22
N ALA A 287 -10.79 -15.95 0.16
CA ALA A 287 -10.83 -16.91 -0.93
C ALA A 287 -10.34 -16.23 -2.20
N VAL A 288 -9.29 -16.78 -2.80
CA VAL A 288 -8.75 -16.27 -4.05
C VAL A 288 -8.88 -17.35 -5.10
N ASN A 289 -8.99 -16.93 -6.35
CA ASN A 289 -9.12 -17.85 -7.48
C ASN A 289 -7.80 -17.91 -8.24
N ILE A 290 -7.42 -19.12 -8.65
CA ILE A 290 -6.23 -19.28 -9.50
C ILE A 290 -6.59 -18.80 -10.90
N ILE A 291 -6.02 -17.67 -11.31
CA ILE A 291 -6.35 -17.09 -12.60
C ILE A 291 -5.34 -17.47 -13.69
N ALA A 292 -4.15 -17.94 -13.33
CA ALA A 292 -3.18 -18.32 -14.34
C ALA A 292 -2.28 -19.42 -13.80
N LYS A 293 -1.58 -20.11 -14.71
CA LYS A 293 -0.80 -21.28 -14.35
C LYS A 293 0.32 -21.48 -15.35
N LYS A 294 1.51 -21.76 -14.83
CA LYS A 294 2.67 -22.10 -15.64
C LYS A 294 3.32 -23.35 -15.08
N ILE A 295 3.81 -24.22 -15.95
CA ILE A 295 4.49 -25.45 -15.56
C ILE A 295 5.94 -25.35 -15.98
N VAL A 296 6.86 -25.53 -15.02
CA VAL A 296 8.29 -25.45 -15.25
C VAL A 296 8.91 -26.80 -14.93
N LEU A 297 9.67 -27.34 -15.87
CA LEU A 297 10.32 -28.63 -15.68
C LEU A 297 11.72 -28.41 -15.10
N LYS A 298 12.02 -29.11 -14.02
CA LYS A 298 13.33 -28.99 -13.39
C LYS A 298 14.17 -30.24 -13.62
N GLU A 311 11.16 -33.46 -13.12
CA GLU A 311 10.34 -33.04 -12.00
C GLU A 311 9.53 -31.78 -12.36
N GLN A 312 8.22 -31.87 -12.18
CA GLN A 312 7.30 -30.78 -12.52
C GLN A 312 7.13 -29.84 -11.34
N THR A 313 7.29 -28.55 -11.59
CA THR A 313 6.98 -27.50 -10.62
C THR A 313 5.98 -26.55 -11.25
N PHE A 314 5.26 -25.81 -10.41
CA PHE A 314 4.16 -24.99 -10.89
C PHE A 314 4.23 -23.58 -10.34
N MET A 315 3.84 -22.62 -11.17
CA MET A 315 3.64 -21.24 -10.77
C MET A 315 2.17 -20.91 -10.93
N TYR A 316 1.52 -20.57 -9.83
CA TYR A 316 0.10 -20.23 -9.83
C TYR A 316 -0.06 -18.73 -9.62
N TYR A 317 -0.89 -18.11 -10.46
CA TYR A 317 -1.22 -16.70 -10.35
C TYR A 317 -2.66 -16.59 -9.88
N VAL A 318 -2.87 -15.92 -8.75
CA VAL A 318 -4.18 -15.73 -8.16
C VAL A 318 -4.52 -14.25 -8.23
N ASN A 319 -5.79 -13.93 -7.93
CA ASN A 319 -6.33 -12.60 -8.14
C ASN A 319 -6.26 -11.72 -6.89
N ASP A 320 -5.26 -11.92 -6.05
CA ASP A 320 -4.91 -10.96 -5.01
C ASP A 320 -3.42 -11.06 -4.74
N GLY A 321 -2.81 -9.94 -4.36
CA GLY A 321 -1.37 -9.89 -4.25
C GLY A 321 -0.82 -8.94 -3.20
N VAL A 322 0.49 -8.67 -3.27
CA VAL A 322 1.15 -7.86 -2.26
C VAL A 322 0.70 -6.40 -2.31
N TYR A 323 0.15 -5.95 -3.42
CA TYR A 323 -0.44 -4.62 -3.46
C TYR A 323 -1.84 -4.61 -2.87
N GLY A 324 -2.46 -5.77 -2.74
CA GLY A 324 -3.77 -5.87 -2.12
C GLY A 324 -3.71 -6.38 -0.70
N SER A 325 -4.45 -7.46 -0.43
CA SER A 325 -4.57 -7.97 0.93
C SER A 325 -3.25 -8.48 1.48
N PHE A 326 -2.36 -8.97 0.62
CA PHE A 326 -1.12 -9.59 1.07
C PHE A 326 0.01 -8.59 1.31
N ASN A 327 -0.30 -7.29 1.38
CA ASN A 327 0.73 -6.32 1.72
C ASN A 327 1.28 -6.58 3.12
N CYS A 328 0.58 -7.40 3.90
CA CYS A 328 1.01 -7.75 5.23
C CYS A 328 2.31 -8.54 5.17
N ILE A 329 2.56 -9.22 4.04
CA ILE A 329 3.81 -9.95 3.87
C ILE A 329 5.00 -9.01 4.00
N LEU A 330 4.86 -7.79 3.46
CA LEU A 330 5.96 -6.82 3.56
C LEU A 330 5.82 -5.90 4.78
N TYR A 331 4.65 -5.27 4.94
CA TYR A 331 4.48 -4.29 6.00
C TYR A 331 4.49 -4.92 7.39
N ASP A 332 3.77 -6.03 7.58
CA ASP A 332 3.71 -6.69 8.88
C ASP A 332 4.62 -7.92 8.92
N HIS A 333 5.22 -8.25 7.78
CA HIS A 333 6.07 -9.43 7.62
C HIS A 333 5.36 -10.72 8.04
N ALA A 334 4.10 -10.83 7.63
CA ALA A 334 3.27 -11.99 7.95
C ALA A 334 3.64 -13.17 7.06
N HIS A 335 3.54 -14.38 7.62
CA HIS A 335 3.80 -15.61 6.89
C HIS A 335 2.46 -16.26 6.57
N VAL A 336 2.19 -16.48 5.27
CA VAL A 336 0.90 -16.99 4.82
C VAL A 336 1.05 -18.41 4.27
N LYS A 337 0.12 -19.30 4.64
CA LYS A 337 0.08 -20.66 4.14
C LYS A 337 -1.22 -20.92 3.38
N PRO A 338 -1.15 -21.32 2.11
CA PRO A 338 -2.38 -21.58 1.34
C PRO A 338 -3.14 -22.81 1.82
N LEU A 339 -4.47 -22.72 1.77
CA LEU A 339 -5.35 -23.80 2.20
C LEU A 339 -6.21 -24.25 1.03
N LEU A 340 -6.32 -25.57 0.85
CA LEU A 340 -7.15 -26.16 -0.20
C LEU A 340 -8.58 -26.30 0.27
N GLN A 341 -9.53 -25.94 -0.61
CA GLN A 341 -10.94 -26.05 -0.28
C GLN A 341 -11.30 -27.48 0.11
N LYS A 342 -10.97 -28.44 -0.75
CA LYS A 342 -11.24 -29.85 -0.52
C LYS A 342 -9.93 -30.54 -0.13
N ARG A 343 -9.92 -31.23 1.00
CA ARG A 343 -8.70 -31.87 1.48
C ARG A 343 -8.20 -33.00 0.56
N PRO A 344 -6.89 -33.02 0.23
CA PRO A 344 -6.29 -34.06 -0.64
C PRO A 344 -5.91 -35.36 0.06
N LYS A 345 -6.08 -36.48 -0.65
CA LYS A 345 -5.72 -37.78 -0.11
C LYS A 345 -4.20 -37.93 0.01
N PRO A 346 -3.73 -38.75 0.97
CA PRO A 346 -2.27 -38.91 1.16
C PRO A 346 -1.53 -39.48 -0.04
N ASP A 347 -2.14 -40.42 -0.77
CA ASP A 347 -1.48 -41.06 -1.89
C ASP A 347 -1.21 -40.08 -3.03
N GLU A 348 -2.02 -39.03 -3.16
CA GLU A 348 -1.86 -38.06 -4.23
C GLU A 348 -0.49 -37.37 -4.13
N LYS A 349 0.16 -37.21 -5.27
CA LYS A 349 1.46 -36.58 -5.35
C LYS A 349 1.37 -35.06 -5.15
N TYR A 350 2.39 -34.51 -4.50
CA TYR A 350 2.54 -33.08 -4.25
C TYR A 350 3.71 -32.55 -5.07
N TYR A 351 3.62 -31.29 -5.49
CA TYR A 351 4.65 -30.66 -6.29
C TYR A 351 5.10 -29.35 -5.66
N SER A 352 6.33 -28.96 -6.00
CA SER A 352 6.86 -27.67 -5.61
C SER A 352 6.18 -26.56 -6.41
N SER A 353 5.65 -25.56 -5.70
CA SER A 353 4.85 -24.55 -6.35
C SER A 353 5.11 -23.18 -5.73
N SER A 354 4.88 -22.15 -6.53
CA SER A 354 4.92 -20.77 -6.08
C SER A 354 3.59 -20.10 -6.44
N ILE A 355 3.24 -19.08 -5.65
CA ILE A 355 1.96 -18.38 -5.80
C ILE A 355 2.26 -16.91 -6.04
N TRP A 356 1.62 -16.33 -7.06
CA TRP A 356 1.93 -14.98 -7.52
C TRP A 356 0.66 -14.14 -7.60
N GLY A 357 0.86 -12.82 -7.45
CA GLY A 357 -0.24 -11.87 -7.50
C GLY A 357 -0.62 -11.49 -8.91
N PRO A 358 -1.77 -10.79 -9.01
CA PRO A 358 -2.25 -10.37 -10.33
C PRO A 358 -1.39 -9.31 -11.01
N THR A 359 -0.69 -8.46 -10.26
CA THR A 359 0.02 -7.34 -10.86
C THR A 359 1.20 -7.80 -11.72
N CYS A 360 1.55 -6.96 -12.70
CA CYS A 360 2.64 -7.26 -13.61
C CYS A 360 4.00 -7.30 -12.92
N ASP A 361 4.14 -6.60 -11.80
CA ASP A 361 5.43 -6.55 -11.11
C ASP A 361 5.87 -7.96 -10.68
N GLY A 362 7.17 -8.25 -10.87
CA GLY A 362 7.70 -9.54 -10.49
C GLY A 362 7.87 -9.69 -8.99
N LEU A 363 7.83 -8.58 -8.27
CA LEU A 363 7.96 -8.58 -6.82
C LEU A 363 6.66 -8.98 -6.13
N ASP A 364 5.57 -9.09 -6.90
CA ASP A 364 4.25 -9.49 -6.38
C ASP A 364 4.22 -11.01 -6.29
N ARG A 365 4.90 -11.54 -5.26
CA ARG A 365 4.93 -12.97 -4.99
C ARG A 365 4.38 -13.22 -3.60
N ILE A 366 3.45 -14.17 -3.50
CA ILE A 366 2.81 -14.47 -2.21
C ILE A 366 3.55 -15.55 -1.45
N VAL A 367 3.90 -16.63 -2.13
CA VAL A 367 4.56 -17.78 -1.52
C VAL A 367 5.68 -18.21 -2.45
N GLU A 368 6.91 -18.26 -1.91
CA GLU A 368 8.06 -18.61 -2.75
C GLU A 368 8.04 -20.07 -3.14
N ARG A 369 7.84 -20.97 -2.18
CA ARG A 369 7.83 -22.39 -2.48
C ARG A 369 6.99 -23.11 -1.43
N CYS A 370 6.12 -24.00 -1.90
CA CYS A 370 5.28 -24.81 -1.04
C CYS A 370 4.94 -26.10 -1.77
N ASP A 371 4.33 -27.03 -1.06
CA ASP A 371 3.93 -28.31 -1.64
C ASP A 371 2.42 -28.31 -1.87
N LEU A 372 2.02 -28.44 -3.13
CA LEU A 372 0.61 -28.43 -3.49
C LEU A 372 0.34 -29.49 -4.54
N PRO A 373 -0.84 -30.09 -4.52
CA PRO A 373 -1.23 -30.95 -5.65
C PRO A 373 -1.44 -30.10 -6.89
N GLU A 374 -1.42 -30.76 -8.04
CA GLU A 374 -1.61 -30.05 -9.30
C GLU A 374 -3.00 -29.43 -9.32
N MET A 375 -3.05 -28.11 -9.45
CA MET A 375 -4.28 -27.35 -9.48
C MET A 375 -4.48 -26.71 -10.84
N HIS A 376 -5.69 -26.22 -11.07
CA HIS A 376 -6.07 -25.71 -12.39
C HIS A 376 -6.70 -24.34 -12.24
N VAL A 377 -6.65 -23.57 -13.33
CA VAL A 377 -7.29 -22.27 -13.37
C VAL A 377 -8.77 -22.44 -13.05
N GLY A 378 -9.28 -21.60 -12.15
CA GLY A 378 -10.62 -21.71 -11.64
C GLY A 378 -10.72 -22.34 -10.27
N ASP A 379 -9.67 -23.04 -9.83
CA ASP A 379 -9.65 -23.57 -8.48
C ASP A 379 -9.44 -22.44 -7.46
N TRP A 380 -9.88 -22.68 -6.24
CA TRP A 380 -9.81 -21.68 -5.18
C TRP A 380 -8.76 -22.06 -4.15
N MET A 381 -8.14 -21.02 -3.58
CA MET A 381 -7.23 -21.15 -2.45
C MET A 381 -7.77 -20.31 -1.30
N LEU A 382 -7.66 -20.86 -0.09
CA LEU A 382 -8.17 -20.20 1.11
C LEU A 382 -7.04 -19.78 2.01
N PHE A 383 -7.20 -18.61 2.64
CA PHE A 383 -6.23 -18.09 3.61
C PHE A 383 -7.00 -17.67 4.85
N GLU A 384 -6.75 -18.36 5.96
CA GLU A 384 -7.40 -18.04 7.22
C GLU A 384 -6.62 -16.98 7.98
N ASN A 385 -7.28 -16.40 8.99
CA ASN A 385 -6.66 -15.43 9.88
C ASN A 385 -6.15 -14.20 9.10
N MET A 386 -6.99 -13.71 8.19
CA MET A 386 -6.65 -12.59 7.33
C MET A 386 -7.37 -11.30 7.73
N GLY A 387 -7.77 -11.19 9.00
CA GLY A 387 -8.52 -10.03 9.42
C GLY A 387 -7.68 -8.81 9.76
N ALA A 388 -6.43 -9.02 10.15
CA ALA A 388 -5.61 -7.95 10.72
C ALA A 388 -4.64 -7.40 9.70
N TYR A 389 -4.69 -6.08 9.50
CA TYR A 389 -3.72 -5.36 8.68
C TYR A 389 -3.63 -5.93 7.27
N THR A 390 -4.78 -6.30 6.70
CA THR A 390 -4.83 -6.78 5.33
C THR A 390 -5.62 -5.83 4.42
N VAL A 391 -6.89 -5.60 4.72
CA VAL A 391 -7.69 -4.69 3.91
C VAL A 391 -7.40 -3.23 4.27
N ALA A 392 -7.03 -2.97 5.52
CA ALA A 392 -6.79 -1.59 5.95
C ALA A 392 -5.66 -0.92 5.20
N ALA A 393 -4.72 -1.70 4.65
CA ALA A 393 -3.56 -1.14 3.97
C ALA A 393 -3.49 -1.54 2.50
N ALA A 394 -4.58 -2.03 1.94
CA ALA A 394 -4.60 -2.43 0.54
C ALA A 394 -4.73 -1.22 -0.37
N SER A 395 -4.15 -1.34 -1.56
CA SER A 395 -4.22 -0.30 -2.59
C SER A 395 -4.84 -0.89 -3.86
N THR A 396 -5.11 -0.01 -4.82
CA THR A 396 -5.66 -0.40 -6.12
C THR A 396 -4.62 -0.33 -7.22
N PHE A 397 -3.36 -0.61 -6.91
CA PHE A 397 -2.31 -0.63 -7.92
C PHE A 397 -2.69 -1.59 -9.05
N ASN A 398 -2.39 -1.18 -10.28
CA ASN A 398 -2.73 -1.88 -11.52
C ASN A 398 -4.23 -1.87 -11.80
N GLY A 399 -5.03 -1.17 -10.99
CA GLY A 399 -6.45 -1.09 -11.19
C GLY A 399 -7.27 -2.22 -10.60
N PHE A 400 -6.64 -3.14 -9.88
CA PHE A 400 -7.37 -4.27 -9.30
C PHE A 400 -8.11 -3.82 -8.05
N GLN A 401 -9.42 -4.06 -8.03
CA GLN A 401 -10.26 -3.59 -6.93
C GLN A 401 -10.17 -4.51 -5.72
N ARG A 402 -10.41 -3.92 -4.55
CA ARG A 402 -10.36 -4.67 -3.30
C ARG A 402 -11.49 -5.69 -3.24
N PRO A 403 -11.21 -6.90 -2.74
CA PRO A 403 -12.22 -7.97 -2.75
C PRO A 403 -13.46 -7.62 -1.93
N THR A 404 -14.60 -8.08 -2.42
CA THR A 404 -15.85 -7.94 -1.68
C THR A 404 -15.79 -8.72 -0.37
N ILE A 405 -16.31 -8.11 0.70
CA ILE A 405 -16.37 -8.74 2.01
C ILE A 405 -17.83 -9.08 2.30
N TYR A 406 -18.09 -10.35 2.60
CA TYR A 406 -19.41 -10.82 2.99
C TYR A 406 -19.42 -11.05 4.50
N TYR A 407 -20.24 -10.26 5.20
CA TYR A 407 -20.36 -10.38 6.65
C TYR A 407 -21.46 -11.40 6.99
N VAL A 408 -21.16 -12.29 7.93
CA VAL A 408 -22.12 -13.29 8.37
C VAL A 408 -22.26 -13.22 9.88
N MET A 409 -23.41 -13.66 10.38
CA MET A 409 -23.69 -13.68 11.81
C MET A 409 -24.90 -14.56 12.11
N SER A 410 -24.75 -15.48 13.05
CA SER A 410 -25.87 -16.34 13.44
C SER A 410 -26.79 -15.60 14.40
N GLY A 411 -28.00 -16.13 14.57
CA GLY A 411 -28.96 -15.58 15.50
C GLY A 411 -28.51 -15.60 16.94
N PRO A 412 -27.92 -16.70 17.43
CA PRO A 412 -27.41 -16.68 18.82
C PRO A 412 -26.36 -15.61 19.05
N ALA A 413 -25.48 -15.39 18.06
CA ALA A 413 -24.48 -14.35 18.19
C ALA A 413 -25.14 -12.98 18.32
N TRP A 414 -26.19 -12.74 17.53
CA TRP A 414 -26.91 -11.48 17.61
C TRP A 414 -27.53 -11.33 19.00
N GLN A 415 -28.03 -12.42 19.57
CA GLN A 415 -28.60 -12.37 20.91
C GLN A 415 -27.55 -11.96 21.92
N LEU A 416 -26.34 -12.51 21.80
CA LEU A 416 -25.27 -12.15 22.73
C LEU A 416 -24.94 -10.67 22.61
N MET A 417 -24.91 -10.15 21.36
CA MET A 417 -24.63 -8.73 21.16
C MET A 417 -25.69 -7.86 21.84
N GLN A 418 -26.96 -8.27 21.72
CA GLN A 418 -28.04 -7.53 22.34
C GLN A 418 -27.89 -7.55 23.85
N GLN A 419 -27.47 -8.69 24.40
CA GLN A 419 -27.26 -8.77 25.85
C GLN A 419 -26.19 -7.80 26.30
N PHE A 420 -25.11 -7.67 25.50
CA PHE A 420 -24.07 -6.70 25.84
C PHE A 420 -24.64 -5.29 25.82
N GLN A 421 -25.52 -4.99 24.87
CA GLN A 421 -26.16 -3.69 24.89
C GLN A 421 -26.97 -3.50 26.17
N ASN A 422 -27.58 -4.57 26.66
CA ASN A 422 -28.34 -4.54 27.92
C ASN A 422 -27.46 -4.71 29.17
N MET B 1 -3.13 29.18 -4.38
CA MET B 1 -3.60 28.16 -5.29
C MET B 1 -4.52 27.17 -4.58
N ASN B 2 -5.80 27.17 -4.97
CA ASN B 2 -6.79 26.27 -4.38
C ASN B 2 -7.65 25.69 -5.48
N ASN B 3 -7.76 24.37 -5.51
CA ASN B 3 -8.62 23.70 -6.48
C ASN B 3 -10.08 24.04 -6.21
N PHE B 4 -10.85 24.21 -7.28
CA PHE B 4 -12.28 24.42 -7.20
C PHE B 4 -12.98 23.34 -8.02
N GLY B 5 -14.10 22.86 -7.50
CA GLY B 5 -14.79 21.76 -8.17
C GLY B 5 -13.99 20.48 -8.02
N ASN B 6 -13.76 19.80 -9.14
CA ASN B 6 -13.04 18.53 -9.15
C ASN B 6 -11.54 18.76 -9.36
N GLU B 7 -10.74 18.22 -8.45
CA GLU B 7 -9.29 18.39 -8.54
C GLU B 7 -8.72 17.68 -9.76
N GLU B 8 -9.29 16.53 -10.13
CA GLU B 8 -8.75 15.72 -11.21
C GLU B 8 -8.73 16.48 -12.54
N PHE B 9 -9.81 17.20 -12.85
CA PHE B 9 -9.90 17.93 -14.11
C PHE B 9 -9.63 19.42 -13.97
N ASP B 10 -9.22 19.88 -12.79
CA ASP B 10 -8.89 21.28 -12.59
C ASP B 10 -7.42 21.52 -12.90
N CYS B 11 -7.15 22.46 -13.81
CA CYS B 11 -5.79 22.79 -14.22
C CYS B 11 -5.55 24.27 -14.01
N HIS B 12 -4.40 24.61 -13.43
CA HIS B 12 -4.04 25.98 -13.13
C HIS B 12 -3.04 26.51 -14.16
N PHE B 13 -3.14 27.81 -14.44
CA PHE B 13 -2.21 28.45 -15.38
C PHE B 13 -0.85 28.63 -14.74
N LEU B 14 0.19 28.36 -15.53
CA LEU B 14 1.57 28.61 -15.14
C LEU B 14 2.05 29.83 -15.94
N ASP B 15 2.24 30.95 -15.24
CA ASP B 15 2.57 32.19 -15.92
C ASP B 15 4.00 32.15 -16.44
N GLU B 16 4.28 33.03 -17.40
CA GLU B 16 5.59 33.11 -18.03
C GLU B 16 6.67 33.35 -16.98
N GLY B 17 7.78 32.64 -17.12
CA GLY B 17 8.88 32.76 -16.19
C GLY B 17 8.72 32.01 -14.89
N PHE B 18 7.67 31.21 -14.74
CA PHE B 18 7.42 30.46 -13.52
C PHE B 18 7.59 28.97 -13.76
N THR B 19 8.18 28.29 -12.79
CA THR B 19 8.33 26.85 -12.78
C THR B 19 7.53 26.25 -11.64
N ALA B 20 7.42 24.91 -11.65
CA ALA B 20 6.74 24.21 -10.56
C ALA B 20 7.32 24.58 -9.19
N LYS B 21 8.63 24.83 -9.12
CA LYS B 21 9.26 25.22 -7.86
C LYS B 21 8.68 26.52 -7.33
N ASP B 22 8.49 27.50 -8.23
CA ASP B 22 7.92 28.77 -7.82
C ASP B 22 6.48 28.61 -7.34
N ILE B 23 5.71 27.74 -8.01
CA ILE B 23 4.35 27.45 -7.55
C ILE B 23 4.38 26.83 -6.16
N LEU B 24 5.35 25.93 -5.92
CA LEU B 24 5.53 25.37 -4.58
C LEU B 24 5.79 26.47 -3.56
N ASP B 25 6.72 27.37 -3.88
CA ASP B 25 7.03 28.49 -2.98
C ASP B 25 5.79 29.30 -2.68
N GLN B 26 5.00 29.61 -3.71
CA GLN B 26 3.79 30.40 -3.52
C GLN B 26 2.80 29.69 -2.62
N LYS B 27 2.51 28.42 -2.91
CA LYS B 27 1.57 27.66 -2.08
C LYS B 27 2.04 27.59 -0.64
N ILE B 28 3.34 27.40 -0.42
CA ILE B 28 3.86 27.33 0.94
C ILE B 28 3.68 28.66 1.65
N ASN B 29 4.01 29.77 0.97
CA ASN B 29 3.86 31.08 1.57
C ASN B 29 2.39 31.41 1.85
N GLU B 30 1.47 30.87 1.04
CA GLU B 30 0.05 31.20 1.20
C GLU B 30 -0.52 30.65 2.50
N VAL B 31 -0.09 29.47 2.93
CA VAL B 31 -0.57 28.86 4.15
C VAL B 31 0.37 29.11 5.32
N SER B 32 1.24 30.12 5.22
CA SER B 32 2.27 30.36 6.22
C SER B 32 1.69 30.62 7.60
N SER B 33 0.52 31.25 7.68
CA SER B 33 -0.07 31.68 8.94
C SER B 33 -1.36 30.93 9.27
N SER B 34 -1.40 29.65 8.90
CA SER B 34 -2.55 28.80 9.20
C SER B 34 -2.06 27.40 9.53
N ASP B 35 -2.93 26.61 10.15
CA ASP B 35 -2.57 25.28 10.63
C ASP B 35 -3.02 24.16 9.70
N ASP B 36 -3.61 24.48 8.55
CA ASP B 36 -3.92 23.46 7.55
C ASP B 36 -2.75 23.38 6.57
N LYS B 37 -1.84 22.45 6.84
CA LYS B 37 -0.60 22.28 6.08
C LYS B 37 -0.47 20.83 5.60
N ASP B 38 -1.54 20.32 5.00
CA ASP B 38 -1.51 18.97 4.44
C ASP B 38 -0.49 18.89 3.30
N ALA B 39 0.08 17.69 3.13
CA ALA B 39 1.00 17.45 2.03
C ALA B 39 0.30 17.59 0.69
N PHE B 40 1.04 18.01 -0.32
CA PHE B 40 0.43 18.19 -1.63
C PHE B 40 1.46 18.00 -2.74
N TYR B 41 0.96 17.63 -3.91
CA TYR B 41 1.75 17.49 -5.11
C TYR B 41 1.56 18.71 -6.01
N VAL B 42 2.63 19.10 -6.69
CA VAL B 42 2.55 19.98 -7.85
C VAL B 42 2.95 19.17 -9.07
N ALA B 43 2.03 19.06 -10.03
CA ALA B 43 2.23 18.25 -11.23
C ALA B 43 2.25 19.17 -12.45
N ASP B 44 3.40 19.26 -13.10
CA ASP B 44 3.57 20.10 -14.28
C ASP B 44 3.32 19.25 -15.51
N LEU B 45 2.14 19.39 -16.11
CA LEU B 45 1.82 18.66 -17.33
C LEU B 45 2.72 19.09 -18.49
N GLY B 46 3.21 20.32 -18.46
CA GLY B 46 4.18 20.75 -19.46
C GLY B 46 5.43 19.90 -19.47
N ASP B 47 5.82 19.37 -18.31
CA ASP B 47 6.96 18.45 -18.27
C ASP B 47 6.63 17.16 -19.02
N ILE B 48 5.38 16.69 -18.93
CA ILE B 48 4.99 15.51 -19.68
C ILE B 48 5.00 15.78 -21.17
N LEU B 49 4.54 16.96 -21.58
CA LEU B 49 4.58 17.31 -22.99
C LEU B 49 6.03 17.41 -23.49
N LYS B 50 6.91 17.96 -22.65
CA LYS B 50 8.33 17.99 -22.97
C LYS B 50 8.89 16.58 -23.13
N LYS B 51 8.49 15.68 -22.23
CA LYS B 51 8.93 14.28 -22.32
C LYS B 51 8.47 13.65 -23.62
N HIS B 52 7.24 13.94 -24.05
CA HIS B 52 6.75 13.40 -25.31
C HIS B 52 7.53 13.95 -26.50
N LEU B 53 7.80 15.26 -26.50
CA LEU B 53 8.62 15.84 -27.55
C LEU B 53 9.99 15.18 -27.59
N ARG B 54 10.60 14.98 -26.42
CA ARG B 54 11.90 14.34 -26.33
C ARG B 54 11.86 12.92 -26.85
N TRP B 55 10.78 12.19 -26.55
CA TRP B 55 10.63 10.82 -27.06
C TRP B 55 10.50 10.81 -28.58
N LEU B 56 9.63 11.66 -29.13
CA LEU B 56 9.49 11.75 -30.58
C LEU B 56 10.82 12.07 -31.24
N LYS B 57 11.66 12.87 -30.58
CA LYS B 57 12.94 13.21 -31.18
C LYS B 57 13.96 12.09 -31.04
N ALA B 58 13.89 11.31 -29.95
CA ALA B 58 14.90 10.28 -29.71
C ALA B 58 14.56 8.93 -30.32
N LEU B 59 13.28 8.56 -30.38
CA LEU B 59 12.85 7.26 -30.89
C LEU B 59 11.78 7.46 -31.96
N PRO B 60 12.16 8.00 -33.11
CA PRO B 60 11.14 8.33 -34.13
C PRO B 60 10.40 7.12 -34.68
N ARG B 61 10.97 5.93 -34.57
CA ARG B 61 10.32 4.72 -35.09
C ARG B 61 9.45 4.01 -34.06
N VAL B 62 9.42 4.48 -32.82
CA VAL B 62 8.79 3.77 -31.72
C VAL B 62 7.60 4.58 -31.23
N THR B 63 6.41 4.02 -31.35
CA THR B 63 5.20 4.67 -30.86
C THR B 63 5.04 4.40 -29.37
N PRO B 64 4.95 5.43 -28.52
CA PRO B 64 4.84 5.19 -27.08
C PRO B 64 3.42 4.84 -26.66
N PHE B 65 3.28 3.78 -25.87
CA PHE B 65 2.03 3.40 -25.22
C PHE B 65 2.23 3.58 -23.72
N TYR B 66 1.58 4.59 -23.15
CA TYR B 66 1.78 4.91 -21.74
C TYR B 66 1.28 3.79 -20.84
N ALA B 67 2.12 3.39 -19.89
CA ALA B 67 1.78 2.35 -18.91
C ALA B 67 0.93 3.01 -17.82
N VAL B 68 -0.38 2.81 -17.89
CA VAL B 68 -1.32 3.47 -16.99
C VAL B 68 -1.05 3.11 -15.52
N LYS B 69 -0.46 1.95 -15.25
CA LYS B 69 -0.26 1.56 -13.86
C LYS B 69 0.73 2.47 -13.14
N CYS B 70 1.66 3.08 -13.86
CA CYS B 70 2.65 3.96 -13.25
C CYS B 70 1.99 5.16 -12.58
N ASN B 71 0.99 5.75 -13.25
CA ASN B 71 0.26 6.90 -12.70
C ASN B 71 -1.09 6.94 -13.40
N ASP B 72 -2.16 6.59 -12.67
CA ASP B 72 -3.49 6.52 -13.25
C ASP B 72 -4.29 7.82 -13.07
N SER B 73 -3.62 8.94 -12.81
CA SER B 73 -4.31 10.21 -12.69
C SER B 73 -5.01 10.56 -13.99
N LYS B 74 -6.29 10.92 -13.88
CA LYS B 74 -7.10 11.18 -15.08
C LYS B 74 -6.55 12.34 -15.89
N ALA B 75 -5.98 13.36 -15.23
CA ALA B 75 -5.39 14.46 -15.96
C ALA B 75 -4.22 13.99 -16.83
N ILE B 76 -3.39 13.11 -16.28
CA ILE B 76 -2.24 12.58 -17.03
C ILE B 76 -2.72 11.83 -18.26
N VAL B 77 -3.69 10.93 -18.08
CA VAL B 77 -4.19 10.13 -19.19
C VAL B 77 -4.86 11.01 -20.22
N LYS B 78 -5.58 12.04 -19.78
CA LYS B 78 -6.23 12.96 -20.72
C LYS B 78 -5.20 13.72 -21.55
N THR B 79 -4.16 14.24 -20.89
CA THR B 79 -3.12 14.95 -21.61
C THR B 79 -2.42 14.05 -22.62
N LEU B 80 -2.08 12.82 -22.21
CA LEU B 80 -1.39 11.91 -23.10
C LEU B 80 -2.29 11.47 -24.26
N ALA B 81 -3.59 11.28 -24.00
CA ALA B 81 -4.52 10.94 -25.07
C ALA B 81 -4.65 12.09 -26.07
N ALA B 82 -4.76 13.32 -25.59
CA ALA B 82 -4.73 14.47 -26.48
C ALA B 82 -3.44 14.53 -27.28
N THR B 83 -2.33 14.11 -26.67
CA THR B 83 -1.05 14.06 -27.36
C THR B 83 -1.02 13.00 -28.45
N GLY B 84 -1.88 11.98 -28.35
CA GLY B 84 -1.94 10.93 -29.35
C GLY B 84 -1.11 9.70 -29.08
N THR B 85 -0.64 9.52 -27.85
CA THR B 85 0.07 8.29 -27.50
C THR B 85 -0.91 7.13 -27.38
N GLY B 86 -0.36 5.91 -27.40
CA GLY B 86 -1.13 4.73 -27.06
C GLY B 86 -1.20 4.54 -25.57
N PHE B 87 -1.86 3.45 -25.16
CA PHE B 87 -1.98 3.14 -23.75
C PHE B 87 -1.84 1.65 -23.50
N ASP B 88 -0.98 1.31 -22.54
CA ASP B 88 -0.81 -0.05 -22.07
C ASP B 88 -1.67 -0.23 -20.81
N CYS B 89 -2.67 -1.10 -20.91
CA CYS B 89 -3.59 -1.35 -19.80
C CYS B 89 -3.39 -2.76 -19.28
N ALA B 90 -3.42 -2.90 -17.96
CA ALA B 90 -3.18 -4.18 -17.30
C ALA B 90 -4.42 -4.79 -16.67
N SER B 91 -5.55 -4.08 -16.67
CA SER B 91 -6.74 -4.57 -15.98
C SER B 91 -7.97 -3.94 -16.59
N LYS B 92 -9.14 -4.45 -16.16
CA LYS B 92 -10.41 -3.94 -16.63
C LYS B 92 -10.60 -2.47 -16.25
N THR B 93 -10.18 -2.09 -15.04
CA THR B 93 -10.36 -0.72 -14.58
C THR B 93 -9.57 0.26 -15.42
N GLU B 94 -8.34 -0.11 -15.81
CA GLU B 94 -7.52 0.78 -16.61
C GLU B 94 -8.11 0.96 -18.01
N ILE B 95 -8.64 -0.11 -18.59
CA ILE B 95 -9.32 0.00 -19.87
C ILE B 95 -10.54 0.91 -19.75
N GLN B 96 -11.30 0.76 -18.66
CA GLN B 96 -12.44 1.64 -18.41
C GLN B 96 -12.00 3.09 -18.35
N LEU B 97 -10.93 3.37 -17.61
CA LEU B 97 -10.43 4.73 -17.47
C LEU B 97 -10.02 5.29 -18.82
N VAL B 98 -9.27 4.51 -19.62
CA VAL B 98 -8.77 5.01 -20.89
C VAL B 98 -9.91 5.26 -21.86
N GLN B 99 -10.86 4.31 -21.96
CA GLN B 99 -11.96 4.48 -22.89
C GLN B 99 -12.91 5.60 -22.46
N SER B 100 -13.07 5.81 -21.15
CA SER B 100 -13.93 6.89 -20.69
C SER B 100 -13.46 8.25 -21.17
N LEU B 101 -12.14 8.43 -21.37
CA LEU B 101 -11.61 9.68 -21.88
C LEU B 101 -11.68 9.80 -23.40
N GLY B 102 -12.27 8.82 -24.08
CA GLY B 102 -12.48 8.90 -25.51
C GLY B 102 -11.45 8.21 -26.39
N VAL B 103 -10.61 7.37 -25.82
CA VAL B 103 -9.55 6.72 -26.61
C VAL B 103 -10.12 5.51 -27.32
N PRO B 104 -9.93 5.37 -28.63
CA PRO B 104 -10.45 4.21 -29.35
C PRO B 104 -9.66 2.95 -29.00
N PRO B 105 -10.23 1.77 -29.20
CA PRO B 105 -9.57 0.54 -28.75
C PRO B 105 -8.26 0.24 -29.48
N GLU B 106 -8.09 0.69 -30.72
CA GLU B 106 -6.86 0.36 -31.45
C GLU B 106 -5.65 1.11 -30.91
N ARG B 107 -5.84 2.02 -29.96
CA ARG B 107 -4.73 2.67 -29.26
C ARG B 107 -4.50 2.08 -27.87
N ILE B 108 -5.02 0.88 -27.61
CA ILE B 108 -4.91 0.22 -26.32
C ILE B 108 -4.29 -1.15 -26.53
N ILE B 109 -3.29 -1.48 -25.71
CA ILE B 109 -2.68 -2.81 -25.71
C ILE B 109 -2.84 -3.42 -24.33
N TYR B 110 -3.42 -4.61 -24.27
CA TYR B 110 -3.64 -5.33 -23.01
C TYR B 110 -2.37 -6.10 -22.66
N ALA B 111 -1.37 -5.36 -22.15
CA ALA B 111 -0.06 -5.96 -21.88
C ALA B 111 0.03 -6.64 -20.51
N ASN B 112 -0.94 -7.48 -20.17
CA ASN B 112 -0.84 -8.26 -18.95
C ASN B 112 -0.70 -9.72 -19.35
N PRO B 113 0.42 -10.38 -19.05
CA PRO B 113 0.60 -11.76 -19.55
C PRO B 113 -0.28 -12.79 -18.86
N CYS B 114 -0.82 -12.49 -17.68
CA CYS B 114 -1.62 -13.44 -16.90
C CYS B 114 -2.91 -12.75 -16.49
N LYS B 115 -3.94 -12.88 -17.32
CA LYS B 115 -5.18 -12.14 -17.18
C LYS B 115 -6.29 -13.07 -16.69
N GLN B 116 -7.11 -12.58 -15.76
CA GLN B 116 -8.29 -13.31 -15.35
C GLN B 116 -9.28 -13.42 -16.50
N VAL B 117 -9.96 -14.57 -16.58
CA VAL B 117 -10.83 -14.87 -17.72
C VAL B 117 -11.90 -13.80 -17.89
N SER B 118 -12.54 -13.38 -16.78
CA SER B 118 -13.58 -12.37 -16.88
C SER B 118 -13.05 -11.05 -17.44
N GLN B 119 -11.80 -10.71 -17.13
CA GLN B 119 -11.22 -9.49 -17.67
C GLN B 119 -10.88 -9.63 -19.14
N ILE B 120 -10.46 -10.81 -19.58
CA ILE B 120 -10.31 -11.08 -21.01
C ILE B 120 -11.65 -10.92 -21.71
N LYS B 121 -12.71 -11.44 -21.10
CA LYS B 121 -14.05 -11.30 -21.67
C LYS B 121 -14.42 -9.83 -21.80
N TYR B 122 -14.17 -9.05 -20.75
CA TYR B 122 -14.45 -7.62 -20.81
C TYR B 122 -13.67 -6.95 -21.93
N ALA B 123 -12.38 -7.28 -22.06
CA ALA B 123 -11.57 -6.70 -23.13
C ALA B 123 -12.15 -7.03 -24.50
N ALA B 124 -12.61 -8.27 -24.67
CA ALA B 124 -13.24 -8.65 -25.94
C ALA B 124 -14.53 -7.87 -26.17
N ASN B 125 -15.34 -7.69 -25.12
CA ASN B 125 -16.62 -7.00 -25.27
C ASN B 125 -16.45 -5.54 -25.68
N ASN B 126 -15.32 -4.93 -25.35
CA ASN B 126 -15.10 -3.51 -25.63
C ASN B 126 -14.12 -3.28 -26.77
N GLY B 127 -13.85 -4.31 -27.58
CA GLY B 127 -13.11 -4.14 -28.81
C GLY B 127 -11.61 -4.03 -28.66
N VAL B 128 -11.04 -4.33 -27.50
CA VAL B 128 -9.60 -4.33 -27.33
C VAL B 128 -9.08 -5.67 -27.86
N GLN B 129 -8.43 -5.64 -29.02
CA GLN B 129 -8.06 -6.86 -29.73
C GLN B 129 -6.69 -7.38 -29.36
N MET B 130 -5.76 -6.50 -29.01
CA MET B 130 -4.36 -6.87 -28.85
C MET B 130 -4.07 -7.17 -27.38
N MET B 131 -3.55 -8.37 -27.11
CA MET B 131 -3.21 -8.78 -25.76
C MET B 131 -1.89 -9.54 -25.78
N THR B 132 -1.16 -9.47 -24.67
CA THR B 132 0.08 -10.22 -24.56
C THR B 132 -0.16 -11.57 -23.88
N PHE B 133 0.79 -12.48 -24.08
CA PHE B 133 0.72 -13.80 -23.47
C PHE B 133 2.11 -14.42 -23.44
N ASP B 134 2.32 -15.33 -22.48
CA ASP B 134 3.58 -16.08 -22.43
C ASP B 134 3.41 -17.53 -21.97
N SER B 135 2.21 -18.10 -22.06
CA SER B 135 2.01 -19.46 -21.56
C SER B 135 0.89 -20.14 -22.34
N GLU B 136 0.89 -21.47 -22.27
CA GLU B 136 -0.12 -22.27 -22.99
C GLU B 136 -1.50 -22.13 -22.36
N VAL B 137 -1.56 -22.11 -21.03
CA VAL B 137 -2.85 -21.92 -20.35
C VAL B 137 -3.48 -20.60 -20.78
N GLU B 138 -2.65 -19.58 -20.99
CA GLU B 138 -3.16 -18.31 -21.49
C GLU B 138 -3.76 -18.48 -22.88
N LEU B 139 -3.13 -19.31 -23.72
CA LEU B 139 -3.69 -19.59 -25.04
C LEU B 139 -5.04 -20.29 -24.94
N MET B 140 -5.16 -21.24 -24.02
CA MET B 140 -6.45 -21.89 -23.80
C MET B 140 -7.52 -20.86 -23.40
N LYS B 141 -7.18 -20.01 -22.44
CA LYS B 141 -8.13 -19.01 -21.96
C LYS B 141 -8.52 -18.04 -23.08
N VAL B 142 -7.57 -17.64 -23.91
CA VAL B 142 -7.87 -16.72 -25.00
C VAL B 142 -8.75 -17.40 -26.03
N ALA B 143 -8.42 -18.63 -26.40
CA ALA B 143 -9.25 -19.39 -27.34
C ALA B 143 -10.66 -19.57 -26.81
N ARG B 144 -10.84 -19.52 -25.49
CA ARG B 144 -12.16 -19.71 -24.91
C ARG B 144 -12.95 -18.40 -24.82
N ALA B 145 -12.32 -17.33 -24.33
CA ALA B 145 -13.01 -16.08 -24.08
C ALA B 145 -12.73 -14.95 -25.07
N HIS B 146 -11.74 -15.07 -25.96
CA HIS B 146 -11.41 -14.01 -26.92
C HIS B 146 -10.77 -14.63 -28.16
N PRO B 147 -11.55 -15.36 -28.96
CA PRO B 147 -10.95 -16.09 -30.10
C PRO B 147 -10.31 -15.23 -31.17
N LYS B 148 -10.84 -14.04 -31.47
CA LYS B 148 -10.31 -13.21 -32.53
C LYS B 148 -9.27 -12.21 -32.05
N ALA B 149 -8.65 -12.46 -30.90
CA ALA B 149 -7.64 -11.53 -30.39
C ALA B 149 -6.35 -11.62 -31.19
N LYS B 150 -5.60 -10.52 -31.18
CA LYS B 150 -4.26 -10.46 -31.75
C LYS B 150 -3.29 -10.58 -30.58
N LEU B 151 -2.53 -11.68 -30.54
CA LEU B 151 -1.68 -11.98 -29.40
C LEU B 151 -0.25 -11.57 -29.68
N VAL B 152 0.40 -11.04 -28.64
CA VAL B 152 1.80 -10.65 -28.67
C VAL B 152 2.53 -11.51 -27.65
N LEU B 153 3.52 -12.26 -28.11
CA LEU B 153 4.24 -13.18 -27.24
C LEU B 153 5.29 -12.40 -26.45
N ARG B 154 5.19 -12.45 -25.12
CA ARG B 154 6.16 -11.79 -24.27
C ARG B 154 7.29 -12.76 -23.97
N ILE B 155 8.51 -12.38 -24.33
CA ILE B 155 9.67 -13.23 -24.18
C ILE B 155 10.47 -12.79 -22.97
N ALA B 156 11.29 -13.71 -22.45
CA ALA B 156 12.12 -13.42 -21.30
C ALA B 156 13.32 -12.57 -21.71
N THR B 157 13.83 -11.81 -20.74
CA THR B 157 15.01 -10.97 -20.93
C THR B 157 15.98 -11.17 -19.77
N ASP B 158 17.25 -10.93 -20.05
CA ASP B 158 18.27 -11.00 -19.01
C ASP B 158 18.41 -9.65 -18.31
N LEU B 166 11.42 -8.42 -13.54
CA LEU B 166 10.13 -8.91 -14.01
C LEU B 166 10.27 -10.28 -14.69
N SER B 167 11.48 -10.55 -15.20
CA SER B 167 11.75 -11.77 -15.96
C SER B 167 11.38 -13.05 -15.20
N VAL B 168 11.54 -13.07 -13.88
CA VAL B 168 11.22 -14.28 -13.13
C VAL B 168 9.73 -14.60 -13.22
N LYS B 169 8.89 -13.57 -13.14
CA LYS B 169 7.44 -13.77 -13.15
C LYS B 169 6.90 -13.97 -14.57
N PHE B 170 7.42 -13.21 -15.54
CA PHE B 170 6.89 -13.21 -16.90
C PHE B 170 8.01 -13.38 -17.92
N GLY B 171 7.62 -13.84 -19.11
CA GLY B 171 8.53 -13.97 -20.23
C GLY B 171 8.86 -15.41 -20.58
N ALA B 172 8.56 -15.78 -21.82
CA ALA B 172 8.85 -17.12 -22.31
C ALA B 172 10.23 -17.19 -22.92
N THR B 173 10.92 -18.32 -22.71
CA THR B 173 12.18 -18.58 -23.39
C THR B 173 11.93 -18.87 -24.88
N LEU B 174 13.01 -18.84 -25.66
CA LEU B 174 12.91 -19.15 -27.08
C LEU B 174 12.41 -20.57 -27.30
N ARG B 175 12.93 -21.52 -26.52
CA ARG B 175 12.45 -22.89 -26.58
C ARG B 175 10.96 -22.95 -26.30
N THR B 176 10.52 -22.32 -25.21
CA THR B 176 9.10 -22.24 -24.92
C THR B 176 8.36 -21.46 -25.99
N SER B 177 9.00 -20.45 -26.58
CA SER B 177 8.35 -19.63 -27.61
C SER B 177 7.98 -20.47 -28.82
N ARG B 178 8.85 -21.40 -29.22
CA ARG B 178 8.54 -22.27 -30.36
C ARG B 178 7.26 -23.07 -30.09
N LEU B 179 7.19 -23.69 -28.91
CA LEU B 179 6.03 -24.49 -28.56
C LEU B 179 4.78 -23.63 -28.45
N LEU B 180 4.92 -22.41 -27.92
CA LEU B 180 3.77 -21.52 -27.81
C LEU B 180 3.24 -21.13 -29.19
N LEU B 181 4.15 -20.82 -30.13
CA LEU B 181 3.70 -20.48 -31.47
C LEU B 181 3.03 -21.66 -32.16
N GLU B 182 3.60 -22.86 -32.03
CA GLU B 182 2.97 -24.02 -32.65
C GLU B 182 1.62 -24.32 -32.02
N ARG B 183 1.52 -24.20 -30.69
CA ARG B 183 0.24 -24.42 -30.01
C ARG B 183 -0.80 -23.38 -30.43
N ALA B 184 -0.39 -22.12 -30.58
CA ALA B 184 -1.31 -21.09 -31.06
C ALA B 184 -1.78 -21.40 -32.46
N LYS B 185 -0.89 -21.91 -33.31
CA LYS B 185 -1.30 -22.32 -34.65
C LYS B 185 -2.33 -23.46 -34.59
N GLU B 186 -2.12 -24.41 -33.68
CA GLU B 186 -3.11 -25.48 -33.50
C GLU B 186 -4.49 -24.93 -33.16
N LEU B 187 -4.54 -23.94 -32.27
CA LEU B 187 -5.80 -23.41 -31.77
C LEU B 187 -6.39 -22.32 -32.64
N ASN B 188 -5.78 -22.02 -33.79
CA ASN B 188 -6.28 -21.02 -34.73
C ASN B 188 -6.34 -19.64 -34.07
N ILE B 189 -5.30 -19.29 -33.31
CA ILE B 189 -5.18 -17.99 -32.68
C ILE B 189 -4.09 -17.20 -33.41
N ASP B 190 -4.39 -15.93 -33.69
CA ASP B 190 -3.50 -15.08 -34.47
C ASP B 190 -2.45 -14.45 -33.57
N VAL B 191 -1.18 -14.75 -33.83
CA VAL B 191 -0.05 -14.12 -33.16
C VAL B 191 0.55 -13.10 -34.10
N VAL B 192 0.59 -11.84 -33.67
CA VAL B 192 0.94 -10.73 -34.54
C VAL B 192 2.27 -10.08 -34.18
N GLY B 193 2.91 -10.48 -33.10
CA GLY B 193 4.17 -9.85 -32.75
C GLY B 193 4.75 -10.41 -31.47
N VAL B 194 5.76 -9.70 -30.97
CA VAL B 194 6.54 -10.09 -29.82
C VAL B 194 6.75 -8.87 -28.93
N SER B 195 6.70 -9.07 -27.62
CA SER B 195 6.96 -8.01 -26.66
C SER B 195 7.99 -8.48 -25.65
N PHE B 196 8.67 -7.50 -25.05
CA PHE B 196 9.58 -7.81 -23.95
C PHE B 196 9.66 -6.60 -23.04
N HIS B 197 10.17 -6.82 -21.83
CA HIS B 197 10.35 -5.75 -20.86
C HIS B 197 11.72 -5.93 -20.23
N VAL B 198 12.64 -5.02 -20.54
CA VAL B 198 14.02 -5.13 -20.07
C VAL B 198 14.12 -4.93 -18.56
N GLY B 199 13.11 -4.31 -17.96
CA GLY B 199 13.08 -4.06 -16.55
C GLY B 199 13.30 -2.59 -16.22
N SER B 200 12.64 -2.14 -15.17
CA SER B 200 12.75 -0.75 -14.72
C SER B 200 14.13 -0.47 -14.16
N GLY B 201 14.70 0.66 -14.57
CA GLY B 201 16.04 1.03 -14.12
C GLY B 201 17.11 0.04 -14.51
N CYS B 202 17.12 -0.36 -15.78
CA CYS B 202 18.13 -1.29 -16.28
C CYS B 202 19.50 -0.61 -16.26
N THR B 203 20.51 -1.33 -15.77
CA THR B 203 21.86 -0.76 -15.68
C THR B 203 22.61 -0.84 -17.01
N ASP B 204 22.44 -1.90 -17.78
CA ASP B 204 23.22 -2.07 -19.00
C ASP B 204 22.32 -2.00 -20.22
N PRO B 205 22.54 -1.03 -21.11
CA PRO B 205 21.68 -0.92 -22.30
C PRO B 205 21.82 -2.09 -23.26
N GLU B 206 22.96 -2.77 -23.28
CA GLU B 206 23.18 -3.89 -24.18
C GLU B 206 22.08 -4.94 -24.08
N THR B 207 21.45 -5.05 -22.90
CA THR B 207 20.33 -5.97 -22.74
C THR B 207 19.29 -5.76 -23.85
N PHE B 208 18.92 -4.50 -24.11
CA PHE B 208 17.97 -4.20 -25.17
C PHE B 208 18.39 -4.86 -26.47
N VAL B 209 19.66 -4.68 -26.86
CA VAL B 209 20.16 -5.30 -28.09
C VAL B 209 19.87 -6.79 -28.07
N GLN B 210 20.28 -7.46 -27.00
CA GLN B 210 20.03 -8.89 -26.88
C GLN B 210 18.54 -9.17 -27.02
N ALA B 211 17.72 -8.43 -26.29
CA ALA B 211 16.28 -8.64 -26.38
C ALA B 211 15.80 -8.47 -27.81
N ILE B 212 16.24 -7.41 -28.47
CA ILE B 212 15.84 -7.17 -29.86
C ILE B 212 16.23 -8.37 -30.71
N SER B 213 17.46 -8.86 -30.52
CA SER B 213 17.91 -10.02 -31.27
C SER B 213 16.97 -11.19 -31.02
N ASP B 214 16.66 -11.45 -29.75
CA ASP B 214 15.77 -12.55 -29.42
C ASP B 214 14.43 -12.37 -30.12
N ALA B 215 13.91 -11.13 -30.12
CA ALA B 215 12.64 -10.88 -30.77
C ALA B 215 12.70 -11.28 -32.24
N ARG B 216 13.79 -10.90 -32.92
CA ARG B 216 13.97 -11.27 -34.32
C ARG B 216 13.83 -12.77 -34.48
N CYS B 217 14.50 -13.52 -33.61
CA CYS B 217 14.42 -14.98 -33.67
C CYS B 217 12.97 -15.46 -33.63
N VAL B 218 12.21 -14.95 -32.67
CA VAL B 218 10.82 -15.41 -32.54
C VAL B 218 10.02 -15.01 -33.77
N PHE B 219 10.29 -13.81 -34.31
CA PHE B 219 9.66 -13.40 -35.56
C PHE B 219 9.90 -14.47 -36.63
N ASP B 220 11.15 -14.89 -36.76
CA ASP B 220 11.47 -15.93 -37.73
C ASP B 220 10.71 -17.21 -37.42
N MET B 221 10.63 -17.57 -36.14
CA MET B 221 9.83 -18.73 -35.75
C MET B 221 8.42 -18.62 -36.30
N GLY B 222 7.81 -17.43 -36.13
CA GLY B 222 6.48 -17.24 -36.66
C GLY B 222 6.40 -17.49 -38.15
N ALA B 223 7.40 -16.98 -38.88
CA ALA B 223 7.43 -17.19 -40.32
C ALA B 223 7.45 -18.67 -40.66
N GLU B 224 8.11 -19.49 -39.85
CA GLU B 224 8.14 -20.92 -40.11
C GLU B 224 6.77 -21.56 -39.90
N VAL B 225 6.01 -21.08 -38.91
CA VAL B 225 4.73 -21.71 -38.60
C VAL B 225 3.57 -21.09 -39.35
N GLY B 226 3.80 -20.02 -40.11
CA GLY B 226 2.77 -19.41 -40.92
C GLY B 226 2.18 -18.11 -40.42
N PHE B 227 2.71 -17.55 -39.33
CA PHE B 227 2.21 -16.28 -38.84
C PHE B 227 2.85 -15.11 -39.58
N SER B 228 2.08 -14.03 -39.73
CA SER B 228 2.58 -12.78 -40.29
C SER B 228 2.86 -11.84 -39.12
N MET B 229 4.09 -11.87 -38.63
CA MET B 229 4.47 -11.08 -37.47
C MET B 229 4.82 -9.67 -37.90
N TYR B 230 4.20 -8.68 -37.26
CA TYR B 230 4.48 -7.29 -37.61
C TYR B 230 4.69 -6.36 -36.42
N LEU B 231 4.34 -6.76 -35.20
CA LEU B 231 4.37 -5.86 -34.05
C LEU B 231 5.55 -6.20 -33.14
N LEU B 232 6.42 -5.22 -32.91
CA LEU B 232 7.52 -5.36 -31.97
C LEU B 232 7.32 -4.38 -30.82
N ASP B 233 7.25 -4.90 -29.59
CA ASP B 233 6.99 -4.11 -28.40
C ASP B 233 8.21 -4.21 -27.48
N ILE B 234 8.92 -3.09 -27.32
CA ILE B 234 10.17 -3.08 -26.59
C ILE B 234 9.97 -2.67 -25.14
N GLY B 235 8.70 -2.59 -24.70
CA GLY B 235 8.41 -2.40 -23.29
C GLY B 235 8.80 -1.03 -22.77
N GLY B 236 9.14 -1.00 -21.49
CA GLY B 236 9.48 0.22 -20.79
C GLY B 236 10.83 0.11 -20.10
N GLY B 237 10.94 0.79 -18.97
CA GLY B 237 12.16 0.83 -18.19
C GLY B 237 13.02 2.06 -18.39
N PHE B 238 12.63 2.96 -19.29
CA PHE B 238 13.42 4.15 -19.52
C PHE B 238 13.35 5.08 -18.30
N PRO B 239 14.42 5.78 -17.97
CA PRO B 239 14.40 6.65 -16.79
C PRO B 239 13.47 7.83 -17.00
N GLY B 240 12.89 8.30 -15.90
CA GLY B 240 11.99 9.42 -15.92
C GLY B 240 12.54 10.72 -15.43
N SER B 241 13.81 10.75 -15.02
CA SER B 241 14.46 11.98 -14.56
C SER B 241 15.93 11.92 -14.94
N GLU B 242 16.58 13.07 -14.86
CA GLU B 242 18.01 13.16 -15.13
C GLU B 242 18.86 12.72 -13.95
N ASP B 243 18.24 12.41 -12.81
CA ASP B 243 18.97 12.01 -11.61
C ASP B 243 19.28 10.52 -11.64
N VAL B 244 19.89 10.05 -12.73
CA VAL B 244 20.24 8.65 -12.91
C VAL B 244 21.58 8.56 -13.65
N LYS B 245 22.25 7.42 -13.46
CA LYS B 245 23.54 7.21 -14.12
C LYS B 245 23.36 6.93 -15.62
N LEU B 246 22.40 6.09 -15.98
CA LEU B 246 22.16 5.70 -17.36
C LEU B 246 20.99 6.53 -17.90
N LYS B 247 21.30 7.51 -18.73
CA LYS B 247 20.31 8.47 -19.20
C LYS B 247 19.58 7.97 -20.44
N PHE B 248 18.41 8.58 -20.67
CA PHE B 248 17.51 8.16 -21.75
C PHE B 248 18.22 8.13 -23.11
N GLU B 249 18.99 9.16 -23.42
CA GLU B 249 19.57 9.28 -24.75
C GLU B 249 20.63 8.22 -25.03
N GLU B 250 21.37 7.79 -24.01
CA GLU B 250 22.30 6.68 -24.19
C GLU B 250 21.55 5.40 -24.58
N ILE B 251 20.48 5.11 -23.84
CA ILE B 251 19.67 3.93 -24.13
C ILE B 251 19.13 3.99 -25.55
N THR B 252 18.62 5.16 -25.96
CA THR B 252 18.06 5.28 -27.31
C THR B 252 19.14 5.16 -28.37
N GLY B 253 20.33 5.72 -28.10
CA GLY B 253 21.44 5.57 -29.03
C GLY B 253 21.92 4.15 -29.18
N VAL B 254 21.71 3.33 -28.14
CA VAL B 254 22.02 1.91 -28.27
C VAL B 254 20.87 1.16 -28.95
N ILE B 255 19.63 1.60 -28.75
CA ILE B 255 18.46 0.88 -29.25
C ILE B 255 18.29 1.07 -30.75
N ASN B 256 18.42 2.30 -31.23
CA ASN B 256 18.10 2.60 -32.63
C ASN B 256 18.93 1.80 -33.62
N PRO B 257 20.26 1.67 -33.48
CA PRO B 257 20.99 0.80 -34.42
C PRO B 257 20.52 -0.65 -34.37
N ALA B 258 20.21 -1.17 -33.18
CA ALA B 258 19.73 -2.55 -33.09
C ALA B 258 18.39 -2.70 -33.81
N LEU B 259 17.49 -1.72 -33.64
CA LEU B 259 16.22 -1.77 -34.37
C LEU B 259 16.44 -1.72 -35.87
N ASP B 260 17.34 -0.85 -36.33
CA ASP B 260 17.60 -0.78 -37.77
C ASP B 260 18.22 -2.07 -38.29
N LYS B 261 19.04 -2.74 -37.48
CA LYS B 261 19.71 -3.96 -37.92
C LYS B 261 18.75 -5.14 -37.96
N TYR B 262 17.97 -5.34 -36.90
CA TYR B 262 17.12 -6.52 -36.79
C TYR B 262 15.71 -6.29 -37.33
N PHE B 263 15.22 -5.07 -37.31
CA PHE B 263 13.87 -4.74 -37.79
C PHE B 263 13.93 -3.52 -38.70
N PRO B 264 14.47 -3.68 -39.91
CA PRO B 264 14.56 -2.55 -40.83
C PRO B 264 13.17 -2.03 -41.20
N SER B 265 13.11 -0.74 -41.51
CA SER B 265 11.82 -0.11 -41.78
C SER B 265 11.12 -0.70 -42.99
N ASP B 266 11.89 -1.11 -44.02
CA ASP B 266 11.29 -1.68 -45.22
C ASP B 266 10.61 -3.01 -44.95
N SER B 267 10.93 -3.68 -43.84
CA SER B 267 10.30 -4.95 -43.51
C SER B 267 8.82 -4.82 -43.20
N GLY B 268 8.35 -3.61 -42.88
CA GLY B 268 6.95 -3.39 -42.55
C GLY B 268 6.61 -3.55 -41.08
N VAL B 269 7.60 -3.76 -40.22
CA VAL B 269 7.34 -3.94 -38.80
C VAL B 269 6.82 -2.64 -38.20
N ARG B 270 5.96 -2.76 -37.19
CA ARG B 270 5.47 -1.63 -36.40
C ARG B 270 6.04 -1.77 -34.99
N ILE B 271 6.78 -0.76 -34.55
CA ILE B 271 7.50 -0.81 -33.28
C ILE B 271 6.83 0.13 -32.29
N ILE B 272 6.57 -0.38 -31.09
CA ILE B 272 5.95 0.37 -30.02
C ILE B 272 6.74 0.13 -28.73
N ALA B 273 6.44 0.93 -27.71
CA ALA B 273 7.03 0.78 -26.39
C ALA B 273 5.98 1.03 -25.33
N GLU B 274 6.31 0.70 -24.09
CA GLU B 274 5.40 0.86 -22.95
C GLU B 274 6.07 1.66 -21.83
N PRO B 275 6.52 2.89 -22.10
CA PRO B 275 7.20 3.66 -21.06
C PRO B 275 6.20 4.14 -20.02
N GLY B 276 6.42 3.76 -18.76
CA GLY B 276 5.63 4.32 -17.68
C GLY B 276 6.26 5.49 -16.94
N ARG B 277 7.44 5.28 -16.35
CA ARG B 277 8.03 6.30 -15.49
C ARG B 277 8.66 7.43 -16.29
N TYR B 278 9.09 7.17 -17.53
CA TYR B 278 9.73 8.19 -18.34
C TYR B 278 8.85 9.43 -18.50
N TYR B 279 7.53 9.23 -18.63
CA TYR B 279 6.65 10.34 -18.92
C TYR B 279 6.33 11.18 -17.69
N VAL B 280 6.29 10.58 -16.51
CA VAL B 280 5.65 11.22 -15.36
C VAL B 280 6.59 11.39 -14.16
N ALA B 281 7.73 10.69 -14.11
CA ALA B 281 8.55 10.69 -12.90
C ALA B 281 8.90 12.10 -12.44
N SER B 282 9.50 12.89 -13.32
CA SER B 282 9.96 14.23 -12.94
C SER B 282 8.84 15.26 -12.95
N ALA B 283 7.65 14.92 -13.45
CA ALA B 283 6.57 15.88 -13.54
C ALA B 283 5.96 16.23 -12.19
N PHE B 284 6.11 15.38 -11.19
CA PHE B 284 5.49 15.55 -9.89
C PHE B 284 6.53 15.94 -8.85
N THR B 285 6.24 16.97 -8.08
CA THR B 285 7.04 17.32 -6.91
C THR B 285 6.15 17.30 -5.67
N LEU B 286 6.60 16.62 -4.62
CA LEU B 286 5.82 16.42 -3.42
C LEU B 286 6.31 17.34 -2.31
N ALA B 287 5.37 17.98 -1.63
CA ALA B 287 5.67 18.83 -0.47
C ALA B 287 5.00 18.21 0.74
N VAL B 288 5.80 17.91 1.77
CA VAL B 288 5.30 17.38 3.03
C VAL B 288 5.63 18.37 4.13
N ASN B 289 4.81 18.38 5.17
CA ASN B 289 5.01 19.27 6.30
C ASN B 289 5.56 18.50 7.50
N ILE B 290 6.52 19.09 8.20
CA ILE B 290 7.05 18.50 9.42
C ILE B 290 6.01 18.70 10.52
N ILE B 291 5.35 17.62 10.93
CA ILE B 291 4.30 17.72 11.93
C ILE B 291 4.80 17.42 13.34
N ALA B 292 5.96 16.78 13.48
CA ALA B 292 6.49 16.50 14.82
C ALA B 292 8.00 16.46 14.79
N LYS B 293 8.60 16.56 15.97
CA LYS B 293 10.04 16.71 16.09
C LYS B 293 10.51 16.17 17.44
N LYS B 294 11.61 15.41 17.41
CA LYS B 294 12.26 14.90 18.61
C LYS B 294 13.76 15.17 18.51
N ILE B 295 14.36 15.50 19.66
CA ILE B 295 15.79 15.77 19.77
C ILE B 295 16.43 14.67 20.58
N VAL B 296 17.45 14.02 20.02
CA VAL B 296 18.16 12.93 20.68
C VAL B 296 19.58 13.37 20.96
N LEU B 297 20.05 13.07 22.18
CA LEU B 297 21.40 13.42 22.62
C LEU B 297 22.28 12.18 22.59
N LYS B 298 23.44 12.29 21.95
CA LYS B 298 24.38 11.18 21.83
C LYS B 298 25.52 11.37 22.82
N GLU B 299 25.74 10.37 23.67
CA GLU B 299 26.80 10.43 24.67
C GLU B 299 27.93 9.46 24.31
N SER B 310 27.57 17.42 23.75
CA SER B 310 26.48 16.54 23.35
C SER B 310 26.17 16.71 21.87
N GLU B 311 26.36 15.64 21.11
CA GLU B 311 26.04 15.65 19.68
C GLU B 311 24.53 15.56 19.51
N GLN B 312 23.95 16.56 18.85
CA GLN B 312 22.51 16.66 18.69
C GLN B 312 22.08 15.98 17.40
N THR B 313 21.12 15.06 17.50
CA THR B 313 20.50 14.46 16.32
C THR B 313 18.99 14.66 16.38
N PHE B 314 18.35 14.57 15.22
CA PHE B 314 16.94 14.93 15.14
C PHE B 314 16.12 13.86 14.46
N MET B 315 14.89 13.69 14.94
CA MET B 315 13.88 12.86 14.30
C MET B 315 12.73 13.78 13.89
N TYR B 316 12.45 13.84 12.60
CA TYR B 316 11.37 14.66 12.07
C TYR B 316 10.26 13.75 11.58
N TYR B 317 9.02 14.05 11.99
CA TYR B 317 7.85 13.30 11.55
C TYR B 317 7.05 14.19 10.61
N VAL B 318 6.83 13.70 9.39
CA VAL B 318 6.11 14.43 8.36
C VAL B 318 4.80 13.72 8.06
N ASN B 319 3.94 14.38 7.29
CA ASN B 319 2.56 13.95 7.09
C ASN B 319 2.37 13.12 5.82
N ASP B 320 3.39 12.37 5.42
CA ASP B 320 3.23 11.32 4.42
C ASP B 320 4.26 10.25 4.72
N GLY B 321 3.94 9.01 4.38
CA GLY B 321 4.80 7.91 4.78
C GLY B 321 4.82 6.71 3.86
N VAL B 322 5.38 5.60 4.34
CA VAL B 322 5.56 4.42 3.52
C VAL B 322 4.22 3.77 3.15
N TYR B 323 3.16 4.05 3.91
CA TYR B 323 1.84 3.60 3.49
C TYR B 323 1.22 4.52 2.46
N GLY B 324 1.74 5.74 2.32
CA GLY B 324 1.26 6.68 1.33
C GLY B 324 2.16 6.78 0.12
N SER B 325 2.62 7.99 -0.19
CA SER B 325 3.40 8.22 -1.40
C SER B 325 4.74 7.49 -1.38
N PHE B 326 5.31 7.29 -0.19
CA PHE B 326 6.64 6.72 -0.08
C PHE B 326 6.63 5.19 -0.08
N ASN B 327 5.50 4.56 -0.44
CA ASN B 327 5.48 3.11 -0.55
C ASN B 327 6.48 2.63 -1.58
N CYS B 328 6.98 3.54 -2.41
CA CYS B 328 7.95 3.20 -3.43
C CYS B 328 9.24 2.70 -2.82
N ILE B 329 9.54 3.13 -1.58
CA ILE B 329 10.76 2.64 -0.93
C ILE B 329 10.70 1.13 -0.79
N LEU B 330 9.54 0.62 -0.33
CA LEU B 330 9.39 -0.82 -0.15
C LEU B 330 9.17 -1.55 -1.48
N TYR B 331 8.32 -0.99 -2.35
CA TYR B 331 7.92 -1.68 -3.57
C TYR B 331 8.82 -1.38 -4.77
N ASP B 332 9.16 -0.12 -4.99
CA ASP B 332 9.88 0.30 -6.18
C ASP B 332 11.40 0.42 -5.97
N HIS B 333 11.89 0.12 -4.77
CA HIS B 333 13.31 0.26 -4.44
C HIS B 333 13.81 1.68 -4.75
N ALA B 334 13.03 2.66 -4.33
CA ALA B 334 13.31 4.06 -4.62
C ALA B 334 14.04 4.71 -3.44
N HIS B 335 15.09 5.49 -3.77
CA HIS B 335 15.85 6.26 -2.80
C HIS B 335 15.40 7.71 -2.91
N VAL B 336 14.92 8.26 -1.80
CA VAL B 336 14.34 9.61 -1.77
C VAL B 336 15.34 10.59 -1.18
N LYS B 337 15.43 11.77 -1.79
CA LYS B 337 16.33 12.82 -1.31
C LYS B 337 15.50 14.01 -0.82
N PRO B 338 15.46 14.27 0.49
CA PRO B 338 14.68 15.42 0.97
C PRO B 338 15.34 16.73 0.58
N LEU B 339 14.52 17.69 0.18
CA LEU B 339 14.99 19.00 -0.25
C LEU B 339 14.35 20.10 0.60
N LEU B 340 15.13 21.13 0.89
CA LEU B 340 14.67 22.26 1.68
C LEU B 340 14.08 23.32 0.76
N GLN B 341 13.03 23.99 1.24
CA GLN B 341 12.37 25.02 0.43
C GLN B 341 13.35 26.14 0.06
N LYS B 342 14.15 26.60 1.02
CA LYS B 342 15.15 27.62 0.81
C LYS B 342 16.55 27.01 0.96
N ARG B 343 17.42 27.31 0.00
CA ARG B 343 18.77 26.76 0.02
C ARG B 343 19.51 27.21 1.29
N PRO B 344 20.11 26.28 2.04
CA PRO B 344 20.80 26.64 3.28
C PRO B 344 22.13 27.37 3.08
N LYS B 345 22.48 28.18 4.07
CA LYS B 345 23.72 28.92 4.06
C LYS B 345 24.90 27.95 4.16
N PRO B 346 26.05 28.29 3.57
CA PRO B 346 27.20 27.37 3.65
C PRO B 346 27.69 27.14 5.07
N ASP B 347 27.66 28.18 5.90
CA ASP B 347 28.11 28.08 7.28
C ASP B 347 27.07 27.50 8.22
N GLU B 348 25.83 27.30 7.75
CA GLU B 348 24.79 26.75 8.62
C GLU B 348 25.17 25.34 9.08
N LYS B 349 24.94 25.08 10.37
CA LYS B 349 25.27 23.78 10.94
C LYS B 349 24.27 22.71 10.54
N TYR B 350 24.78 21.54 10.19
CA TYR B 350 23.99 20.38 9.81
C TYR B 350 24.02 19.33 10.92
N TYR B 351 22.97 18.52 10.98
CA TYR B 351 22.84 17.46 11.97
C TYR B 351 22.40 16.17 11.31
N SER B 352 22.75 15.06 11.97
CA SER B 352 22.23 13.76 11.62
C SER B 352 20.74 13.69 11.96
N SER B 353 19.92 13.27 11.00
CA SER B 353 18.48 13.31 11.15
C SER B 353 17.85 12.11 10.48
N SER B 354 16.67 11.74 10.98
CA SER B 354 15.83 10.70 10.40
C SER B 354 14.44 11.28 10.14
N ILE B 355 13.75 10.71 9.15
CA ILE B 355 12.43 11.19 8.72
C ILE B 355 11.43 10.05 8.84
N TRP B 356 10.28 10.31 9.47
CA TRP B 356 9.29 9.30 9.82
C TRP B 356 7.90 9.71 9.31
N GLY B 357 7.05 8.69 9.07
CA GLY B 357 5.71 8.89 8.57
C GLY B 357 4.67 9.20 9.64
N PRO B 358 3.49 9.61 9.18
CA PRO B 358 2.36 9.94 10.10
C PRO B 358 1.82 8.75 10.88
N THR B 359 1.86 7.54 10.32
CA THR B 359 1.25 6.36 10.92
C THR B 359 1.99 5.89 12.16
N CYS B 360 1.25 5.17 13.01
CA CYS B 360 1.78 4.62 14.26
C CYS B 360 2.78 3.50 14.02
N ASP B 361 2.72 2.84 12.87
CA ASP B 361 3.63 1.73 12.60
C ASP B 361 5.08 2.21 12.69
N GLY B 362 5.90 1.43 13.39
CA GLY B 362 7.31 1.81 13.56
C GLY B 362 8.10 1.77 12.27
N LEU B 363 7.81 0.81 11.39
CA LEU B 363 8.54 0.65 10.14
C LEU B 363 8.28 1.78 9.15
N ASP B 364 7.38 2.73 9.47
CA ASP B 364 7.08 3.85 8.58
C ASP B 364 8.14 4.93 8.75
N ARG B 365 9.31 4.67 8.16
CA ARG B 365 10.42 5.62 8.17
C ARG B 365 10.81 5.95 6.73
N ILE B 366 10.75 7.22 6.37
CA ILE B 366 11.10 7.64 5.01
C ILE B 366 12.62 7.66 4.80
N VAL B 367 13.36 8.20 5.76
CA VAL B 367 14.82 8.32 5.63
C VAL B 367 15.46 7.93 6.95
N GLU B 368 16.44 7.03 6.88
CA GLU B 368 17.10 6.56 8.09
C GLU B 368 18.07 7.60 8.65
N ARG B 369 18.93 8.16 7.80
CA ARG B 369 19.90 9.14 8.26
C ARG B 369 20.33 10.04 7.11
N CYS B 370 20.32 11.34 7.37
CA CYS B 370 20.75 12.35 6.40
C CYS B 370 21.23 13.56 7.18
N ASP B 371 21.83 14.51 6.47
CA ASP B 371 22.33 15.73 7.08
C ASP B 371 21.38 16.88 6.75
N LEU B 372 20.80 17.47 7.79
CA LEU B 372 19.86 18.57 7.63
C LEU B 372 20.12 19.62 8.69
N PRO B 373 19.91 20.89 8.39
CA PRO B 373 19.92 21.90 9.45
C PRO B 373 18.73 21.71 10.38
N GLU B 374 18.83 22.29 11.56
CA GLU B 374 17.76 22.17 12.54
C GLU B 374 16.50 22.83 12.01
N MET B 375 15.45 22.03 11.87
CA MET B 375 14.15 22.45 11.36
C MET B 375 13.10 22.38 12.47
N HIS B 376 11.95 23.00 12.20
CA HIS B 376 10.91 23.13 13.20
C HIS B 376 9.57 22.71 12.62
N VAL B 377 8.65 22.34 13.52
CA VAL B 377 7.29 21.99 13.11
C VAL B 377 6.69 23.14 12.32
N GLY B 378 6.08 22.81 11.19
CA GLY B 378 5.56 23.78 10.25
C GLY B 378 6.43 24.03 9.04
N ASP B 379 7.70 23.63 9.09
CA ASP B 379 8.55 23.72 7.93
C ASP B 379 8.17 22.65 6.89
N TRP B 380 8.52 22.93 5.65
CA TRP B 380 8.19 22.05 4.53
C TRP B 380 9.44 21.37 4.00
N MET B 381 9.24 20.13 3.52
CA MET B 381 10.27 19.37 2.81
C MET B 381 9.76 19.02 1.42
N LEU B 382 10.64 19.09 0.44
CA LEU B 382 10.30 18.82 -0.95
C LEU B 382 10.99 17.55 -1.43
N PHE B 383 10.28 16.76 -2.22
CA PHE B 383 10.80 15.54 -2.83
C PHE B 383 10.50 15.62 -4.32
N GLU B 384 11.54 15.69 -5.13
CA GLU B 384 11.37 15.75 -6.57
C GLU B 384 11.31 14.34 -7.15
N ASN B 385 10.87 14.27 -8.42
CA ASN B 385 10.81 13.02 -9.17
C ASN B 385 9.94 11.97 -8.47
N MET B 386 8.77 12.42 -8.00
CA MET B 386 7.84 11.56 -7.27
C MET B 386 6.61 11.20 -8.10
N GLY B 387 6.73 11.22 -9.43
CA GLY B 387 5.58 10.95 -10.28
C GLY B 387 5.31 9.48 -10.52
N ALA B 388 6.34 8.64 -10.42
CA ALA B 388 6.25 7.25 -10.86
C ALA B 388 6.06 6.32 -9.66
N TYR B 389 5.00 5.51 -9.72
CA TYR B 389 4.76 4.44 -8.76
C TYR B 389 4.75 4.96 -7.31
N THR B 390 4.16 6.14 -7.12
CA THR B 390 4.00 6.72 -5.80
C THR B 390 2.54 6.83 -5.39
N VAL B 391 1.73 7.57 -6.16
CA VAL B 391 0.32 7.69 -5.81
C VAL B 391 -0.47 6.47 -6.27
N ALA B 392 -0.03 5.81 -7.33
CA ALA B 392 -0.76 4.67 -7.88
C ALA B 392 -0.88 3.51 -6.88
N ALA B 393 0.05 3.42 -5.92
CA ALA B 393 0.04 2.31 -4.97
C ALA B 393 -0.14 2.79 -3.53
N ALA B 394 -0.59 4.03 -3.34
CA ALA B 394 -0.80 4.55 -2.00
C ALA B 394 -2.12 4.03 -1.43
N SER B 395 -2.15 3.87 -0.12
CA SER B 395 -3.34 3.44 0.59
C SER B 395 -3.71 4.47 1.65
N THR B 396 -4.87 4.26 2.27
CA THR B 396 -5.35 5.12 3.36
C THR B 396 -5.18 4.44 4.71
N PHE B 397 -4.14 3.64 4.87
CA PHE B 397 -3.84 3.01 6.15
C PHE B 397 -3.76 4.06 7.25
N ASN B 398 -4.31 3.73 8.42
CA ASN B 398 -4.39 4.61 9.59
C ASN B 398 -5.35 5.78 9.38
N GLY B 399 -6.05 5.82 8.25
CA GLY B 399 -7.00 6.87 7.95
C GLY B 399 -6.41 8.12 7.34
N PHE B 400 -5.12 8.13 7.02
CA PHE B 400 -4.50 9.31 6.44
C PHE B 400 -4.82 9.40 4.95
N GLN B 401 -5.32 10.55 4.54
CA GLN B 401 -5.83 10.73 3.19
C GLN B 401 -4.71 10.99 2.19
N ARG B 402 -4.95 10.59 0.94
CA ARG B 402 -3.98 10.79 -0.12
C ARG B 402 -3.78 12.29 -0.37
N PRO B 403 -2.54 12.72 -0.57
CA PRO B 403 -2.28 14.16 -0.74
C PRO B 403 -3.02 14.75 -1.94
N THR B 404 -3.46 16.00 -1.78
CA THR B 404 -4.05 16.75 -2.88
C THR B 404 -3.03 17.00 -3.98
N ILE B 405 -3.46 16.86 -5.23
CA ILE B 405 -2.62 17.10 -6.40
C ILE B 405 -3.07 18.38 -7.09
N TYR B 406 -2.15 19.32 -7.28
CA TYR B 406 -2.40 20.55 -8.04
C TYR B 406 -1.74 20.44 -9.40
N TYR B 407 -2.55 20.42 -10.46
CA TYR B 407 -2.06 20.35 -11.83
C TYR B 407 -1.82 21.75 -12.37
N VAL B 408 -0.66 21.97 -13.00
CA VAL B 408 -0.32 23.24 -13.60
C VAL B 408 0.10 23.03 -15.05
N MET B 409 -0.07 24.08 -15.86
CA MET B 409 0.31 24.04 -17.26
C MET B 409 0.50 25.46 -17.77
N SER B 410 1.61 25.70 -18.45
CA SER B 410 1.87 27.01 -19.03
C SER B 410 1.13 27.14 -20.37
N GLY B 411 1.04 28.38 -20.84
CA GLY B 411 0.45 28.67 -22.13
C GLY B 411 1.19 28.03 -23.29
N PRO B 412 2.52 28.18 -23.35
CA PRO B 412 3.28 27.50 -24.40
C PRO B 412 3.13 25.99 -24.36
N ALA B 413 3.05 25.41 -23.15
CA ALA B 413 2.80 23.97 -23.06
C ALA B 413 1.46 23.61 -23.69
N TRP B 414 0.43 24.42 -23.45
CA TRP B 414 -0.86 24.18 -24.07
C TRP B 414 -0.78 24.31 -25.58
N GLN B 415 0.00 25.27 -26.08
CA GLN B 415 0.19 25.41 -27.52
C GLN B 415 0.86 24.17 -28.11
N LEU B 416 1.88 23.66 -27.43
CA LEU B 416 2.53 22.43 -27.86
C LEU B 416 1.55 21.25 -27.88
N MET B 417 0.72 21.15 -26.84
CA MET B 417 -0.30 20.11 -26.82
C MET B 417 -1.25 20.23 -28.01
N GLN B 418 -1.66 21.45 -28.34
CA GLN B 418 -2.53 21.66 -29.48
C GLN B 418 -1.83 21.25 -30.78
N GLN B 419 -0.54 21.58 -30.91
CA GLN B 419 0.22 21.16 -32.09
C GLN B 419 0.26 19.64 -32.20
N PHE B 420 0.48 18.96 -31.07
CA PHE B 420 0.46 17.50 -31.07
C PHE B 420 -0.91 16.95 -31.47
N GLN B 421 -1.98 17.56 -30.98
CA GLN B 421 -3.32 17.10 -31.30
C GLN B 421 -3.61 17.22 -32.79
N ASN B 422 -3.03 18.21 -33.46
CA ASN B 422 -3.19 18.35 -34.91
C ASN B 422 -2.14 17.54 -35.66
C01 A1AQO C . 1.53 -3.32 10.43
C02 A1AQO C . 2.12 -4.04 12.56
C03 A1AQO C . 1.46 -2.07 11.32
C04 A1AQO C . 1.93 -2.53 12.69
C05 A1AQO C . 0.97 -2.16 13.84
N01 A1AQO C . 1.42 -4.48 11.34
N02 A1AQO C . 1.10 -1.46 16.17
O01 A1AQO C . 1.75 -1.99 14.99
N1 PLP D . -1.71 0.47 19.86
C2 PLP D . -0.72 1.15 19.19
C2A PLP D . -0.19 2.44 19.76
C3 PLP D . -0.20 0.62 17.99
O3 PLP D . 0.78 1.30 17.33
C4 PLP D . -0.71 -0.58 17.47
C4A PLP D . -0.15 -1.16 16.19
C5 PLP D . -1.71 -1.25 18.20
C6 PLP D . -2.21 -0.71 19.37
C5A PLP D . -2.32 -2.53 17.72
O4P PLP D . -1.42 -3.60 17.83
P PLP D . -1.95 -5.10 17.60
O1P PLP D . -0.72 -5.96 17.46
O2P PLP D . -2.75 -5.10 16.33
O3P PLP D . -2.82 -5.44 18.78
C01 A1AQO E . 6.93 -1.00 -8.88
C02 A1AQO E . 8.44 -1.87 -10.42
C03 A1AQO E . 6.08 -1.71 -9.92
C04 A1AQO E . 7.06 -2.36 -10.88
C05 A1AQO E . 6.76 -2.01 -12.36
N01 A1AQO E . 8.23 -0.72 -9.53
N02 A1AQO E . 6.06 -3.22 -14.37
O01 A1AQO E . 6.27 -3.19 -12.94
N1 PLP F . 5.25 -2.58 -19.32
C2 PLP F . 5.16 -3.69 -18.50
C2A PLP F . 4.70 -4.99 -19.07
C3 PLP F . 5.51 -3.59 -17.14
O3 PLP F . 5.39 -4.73 -16.40
C4 PLP F . 5.94 -2.35 -16.62
C4A PLP F . 6.31 -2.23 -15.15
C5 PLP F . 6.02 -1.25 -17.48
C6 PLP F . 5.66 -1.38 -18.81
C5A PLP F . 6.45 0.11 -17.05
O4P PLP F . 7.81 0.12 -16.70
P PLP F . 8.54 1.53 -16.49
O1P PLP F . 9.86 1.22 -15.84
O2P PLP F . 7.69 2.37 -15.58
O3P PLP F . 8.66 2.19 -17.83
#